data_5FGZ
#
_entry.id   5FGZ
#
_cell.length_a   62.480
_cell.length_b   63.220
_cell.length_c   293.910
_cell.angle_alpha   90.00
_cell.angle_beta   90.00
_cell.angle_gamma   90.00
#
_symmetry.space_group_name_H-M   'P 2 21 21'
#
loop_
_entity.id
_entity.type
_entity.pdbx_description
1 polymer 'Penicillin-binding protein 1B'
2 non-polymer MOENOMYCIN
3 non-polymer '[[(3~{R},6~{S})-1-methanoyl-6-[[(3~{S})-pyrrolidin-3-yl]oxycarbamoyl]piperidin-3-yl]amino] hydrogen sulfate'
4 water water
#
_entity_poly.entity_id   1
_entity_poly.type   'polypeptide(L)'
_entity_poly.pdbx_seq_one_letter_code
;KPRGKRGWLWLLLKLAIVFAVLIAIYGVYLDQKIRSRIDGKVWQLPAAVYGRMVNLEPDMTISKNEMVKLLEATQYRQVS
KMTRPGEFTVQANSIEMIRRPFDFPDSKEGQVRARLTFDGDHLATIVNMENNRQFGFFRLDPRLITMISSPNGEQRLFVP
RSGFPDLLVDTLLATEDRHFYEHDGISLYSIGRAVLANLTAGRTVQGASTLTQQLVKNLFLSSERSYWRKANEAYMALIM
DARYSKDRILELYMNEVYLGQSGDNEIRGFPLASLYYFGRPVEELSLDQQALLVGMVKGASIYNPWRNPKLALERRNLVL
RLLQQQQIIDQELYDMLSARPLGVQPRGGVISPQPAFMQLVRQELQAKLGDKVKDLSGVKIFTTFDSVAQDAAEKAAVEG
IPALKKQRKLSDLETAIVVVDRFSGEVRAMVGGSEPQFAGYNRAMQARRSIGSLAKPATYLTALSQPKIYRLNTWIADAP
IALRQPNGQVWSPQNDDRRYSESGRVMLVDALTRSMNVPTVNLGMALGLPAVTETWIKLGVPKDQLHPVPAMLLGALNLT
PIEVAQAFQTIASGGNRAPLSALRSVIAEDGKVLYQSFPQAERAVPAQAAYLTLWTMQQVVQRGTGRQLGAKYPNLHLAG
KTGTTNNNVDTWFAGIDGSTVTITWVGRDNNQPTKLYGASGAMSIYQRYLANQTPTPLNLVPPEDIADMGVDYDGNFVCS
GGMRILPVWTSDPQSLCQQSEMQQQPS
;
_entity_poly.pdbx_strand_id   A
#
loop_
_chem_comp.id
_chem_comp.type
_chem_comp.name
_chem_comp.formula
5VW non-polymer '[[(3~{R},6~{S})-1-methanoyl-6-[[(3~{S})-pyrrolidin-3-yl]oxycarbamoyl]piperidin-3-yl]amino] hydrogen sulfate' 'C11 H20 N4 O7 S'
M0E non-polymer MOENOMYCIN 'C69 H106 N5 O34 P'
#
# COMPACT_ATOMS: atom_id res chain seq x y z
N LEU A 15 5.96 58.41 44.41
CA LEU A 15 5.85 57.16 45.24
C LEU A 15 7.15 56.34 45.23
N ALA A 16 7.62 55.81 44.09
CA ALA A 16 7.00 55.95 42.76
C ALA A 16 6.27 54.66 42.32
N ILE A 17 5.00 54.83 41.96
CA ILE A 17 4.12 53.74 41.53
C ILE A 17 4.16 53.71 40.00
N VAL A 18 5.18 54.35 39.44
CA VAL A 18 5.30 54.50 37.99
C VAL A 18 5.54 53.11 37.42
N PHE A 19 6.34 52.33 38.14
CA PHE A 19 6.64 50.94 37.78
C PHE A 19 5.40 50.13 37.38
N ALA A 20 4.30 50.32 38.10
CA ALA A 20 3.05 49.63 37.81
C ALA A 20 2.37 50.07 36.49
N VAL A 21 2.67 51.29 36.03
CA VAL A 21 2.20 51.79 34.71
C VAL A 21 2.81 50.99 33.56
N LEU A 22 4.06 50.56 33.74
CA LEU A 22 4.86 49.94 32.67
C LEU A 22 4.49 48.46 32.48
N ILE A 23 4.40 47.72 33.59
CA ILE A 23 4.05 46.29 33.55
C ILE A 23 2.63 46.04 33.05
N ALA A 24 1.77 47.07 33.18
CA ALA A 24 0.41 47.01 32.64
C ALA A 24 0.42 47.25 31.14
N ILE A 25 1.04 48.36 30.70
CA ILE A 25 1.20 48.63 29.25
C ILE A 25 2.00 47.51 28.58
N TYR A 26 2.86 46.87 29.37
CA TYR A 26 3.50 45.61 28.98
C TYR A 26 2.47 44.47 28.89
N GLY A 27 1.58 44.40 29.86
CA GLY A 27 0.48 43.45 29.86
C GLY A 27 -0.38 43.45 28.60
N VAL A 28 -0.66 44.63 28.05
CA VAL A 28 -1.51 44.74 26.86
C VAL A 28 -0.69 44.46 25.58
N TYR A 29 0.64 44.51 25.68
CA TYR A 29 1.52 44.11 24.57
C TYR A 29 1.64 42.61 24.39
N LEU A 30 1.49 41.86 25.48
CA LEU A 30 1.48 40.39 25.42
C LEU A 30 0.11 39.84 25.04
N ASP A 31 -0.95 40.60 25.33
CA ASP A 31 -2.30 40.26 24.86
C ASP A 31 -2.50 40.63 23.39
N GLN A 32 -1.65 41.49 22.85
CA GLN A 32 -1.66 41.83 21.42
C GLN A 32 -0.74 40.87 20.62
N LYS A 33 0.17 40.17 21.32
CA LYS A 33 0.97 39.09 20.74
C LYS A 33 0.19 37.76 20.72
N ILE A 34 -0.50 37.43 21.81
CA ILE A 34 -1.33 36.20 21.91
C ILE A 34 -2.54 36.22 20.94
N ARG A 35 -2.95 37.42 20.52
CA ARG A 35 -3.98 37.56 19.47
C ARG A 35 -3.46 36.97 18.15
N SER A 36 -2.39 37.56 17.63
CA SER A 36 -1.72 37.08 16.39
C SER A 36 -1.37 35.58 16.43
N ARG A 37 -0.99 35.09 17.60
CA ARG A 37 -0.69 33.68 17.76
C ARG A 37 -1.97 32.83 17.64
N ILE A 38 -2.88 32.94 18.60
CA ILE A 38 -3.96 31.94 18.76
C ILE A 38 -5.20 32.11 17.85
N ASP A 39 -5.55 33.34 17.51
CA ASP A 39 -6.61 33.59 16.53
C ASP A 39 -6.11 33.18 15.16
N GLY A 40 -6.41 31.95 14.76
CA GLY A 40 -5.97 31.40 13.48
C GLY A 40 -4.81 30.43 13.64
N LYS A 41 -3.61 30.83 13.19
CA LYS A 41 -2.47 29.89 13.04
C LYS A 41 -1.66 29.70 14.33
N VAL A 42 -1.83 28.54 14.95
CA VAL A 42 -1.15 28.17 16.17
C VAL A 42 0.11 27.37 15.86
N TRP A 43 -0.03 26.41 14.94
CA TRP A 43 1.10 25.63 14.38
C TRP A 43 0.97 25.50 12.85
N GLN A 44 2.09 25.22 12.18
CA GLN A 44 2.07 24.70 10.79
C GLN A 44 1.93 23.20 10.96
N LEU A 45 0.75 22.67 10.72
CA LEU A 45 0.48 21.26 10.97
C LEU A 45 0.85 20.44 9.72
N PRO A 46 1.78 19.47 9.88
CA PRO A 46 2.26 18.66 8.76
C PRO A 46 1.16 17.83 8.13
N ALA A 47 1.33 17.42 6.88
CA ALA A 47 0.27 16.71 6.16
C ALA A 47 0.14 15.31 6.70
N ALA A 48 -1.09 14.82 6.80
CA ALA A 48 -1.34 13.45 7.23
C ALA A 48 -1.56 12.56 6.00
N VAL A 49 -1.08 11.32 6.10
CA VAL A 49 -1.12 10.42 4.98
C VAL A 49 -1.97 9.25 5.39
N TYR A 50 -3.07 9.05 4.67
CA TYR A 50 -3.96 7.90 4.95
C TYR A 50 -4.02 6.96 3.79
N GLY A 51 -4.17 5.70 4.08
CA GLY A 51 -4.36 4.68 3.04
C GLY A 51 -5.73 4.61 2.37
N ARG A 52 -6.02 3.48 1.74
CA ARG A 52 -7.25 3.35 0.99
C ARG A 52 -8.49 3.40 1.89
N MET A 53 -9.54 4.06 1.40
CA MET A 53 -10.85 4.05 2.06
C MET A 53 -11.75 2.98 1.44
N VAL A 54 -12.02 1.93 2.20
CA VAL A 54 -12.66 0.74 1.69
C VAL A 54 -14.14 0.77 2.02
N ASN A 55 -14.96 0.37 1.05
CA ASN A 55 -16.39 0.33 1.22
C ASN A 55 -16.87 -1.06 1.06
N LEU A 56 -17.64 -1.48 2.07
CA LEU A 56 -18.11 -2.83 2.16
C LEU A 56 -19.52 -2.69 1.69
N GLU A 57 -20.04 -3.76 1.11
CA GLU A 57 -21.29 -3.71 0.35
C GLU A 57 -21.97 -5.08 0.30
N PRO A 58 -23.30 -5.12 0.44
CA PRO A 58 -24.06 -6.35 0.24
C PRO A 58 -23.64 -7.16 -1.00
N ASP A 59 -23.34 -8.43 -0.76
CA ASP A 59 -22.86 -9.38 -1.78
C ASP A 59 -21.47 -9.05 -2.30
N MET A 60 -20.76 -8.21 -1.53
CA MET A 60 -19.36 -7.96 -1.77
C MET A 60 -18.61 -9.26 -1.68
N THR A 61 -17.55 -9.38 -2.47
CA THR A 61 -16.84 -10.63 -2.55
C THR A 61 -15.73 -10.72 -1.44
N ILE A 62 -16.16 -10.79 -0.19
CA ILE A 62 -15.20 -10.86 0.93
C ILE A 62 -15.67 -11.86 2.02
N SER A 63 -14.69 -12.41 2.73
CA SER A 63 -14.90 -13.47 3.72
C SER A 63 -14.97 -12.89 5.11
N LYS A 64 -15.33 -13.72 6.09
CA LYS A 64 -15.29 -13.31 7.50
C LYS A 64 -13.84 -13.26 7.98
N ASN A 65 -13.07 -14.26 7.54
CA ASN A 65 -11.67 -14.35 7.87
C ASN A 65 -10.94 -13.17 7.28
N GLU A 66 -11.17 -12.95 5.98
CA GLU A 66 -10.56 -11.84 5.27
C GLU A 66 -10.85 -10.61 6.09
N MET A 67 -12.13 -10.38 6.32
CA MET A 67 -12.64 -9.25 7.08
C MET A 67 -11.94 -9.00 8.42
N VAL A 68 -11.66 -10.07 9.17
CA VAL A 68 -10.91 -9.91 10.41
C VAL A 68 -9.59 -9.22 10.07
N LYS A 69 -8.88 -9.80 9.11
CA LYS A 69 -7.53 -9.40 8.80
C LYS A 69 -7.53 -7.93 8.42
N LEU A 70 -8.55 -7.56 7.64
CA LEU A 70 -8.77 -6.21 7.13
C LEU A 70 -9.01 -5.21 8.24
N LEU A 71 -9.95 -5.56 9.11
CA LEU A 71 -10.24 -4.75 10.26
C LEU A 71 -8.95 -4.65 11.05
N GLU A 72 -8.40 -5.82 11.36
CA GLU A 72 -7.28 -5.92 12.28
C GLU A 72 -6.13 -5.10 11.73
N ALA A 73 -5.98 -5.09 10.40
CA ALA A 73 -4.98 -4.28 9.70
C ALA A 73 -5.26 -2.78 9.66
N THR A 74 -6.44 -2.37 10.09
CA THR A 74 -6.80 -0.99 10.02
C THR A 74 -7.18 -0.54 11.42
N GLN A 75 -6.48 -1.10 12.42
CA GLN A 75 -6.43 -0.63 13.86
C GLN A 75 -7.55 -1.07 14.77
N TYR A 76 -8.30 -2.09 14.36
CA TYR A 76 -9.44 -2.56 15.12
C TYR A 76 -8.94 -3.73 15.92
N ARG A 77 -9.59 -3.97 17.05
CA ARG A 77 -9.09 -4.91 18.06
C ARG A 77 -10.17 -5.92 18.42
N GLN A 78 -9.89 -7.21 18.20
CA GLN A 78 -10.87 -8.24 18.51
C GLN A 78 -11.15 -8.29 20.01
N VAL A 79 -12.42 -8.47 20.37
CA VAL A 79 -12.81 -8.62 21.76
C VAL A 79 -13.92 -9.65 21.88
N SER A 80 -14.20 -10.00 23.12
CA SER A 80 -15.24 -10.95 23.49
C SER A 80 -16.58 -10.23 23.51
N LYS A 81 -16.58 -9.10 24.23
CA LYS A 81 -17.69 -8.17 24.33
C LYS A 81 -17.13 -6.77 24.14
N MET A 82 -17.85 -5.95 23.42
CA MET A 82 -17.28 -4.74 22.84
C MET A 82 -17.85 -3.50 23.52
N THR A 83 -16.98 -2.53 23.84
CA THR A 83 -17.37 -1.33 24.61
C THR A 83 -16.88 0.06 24.14
N ARG A 84 -15.93 0.10 23.22
CA ARG A 84 -15.43 1.38 22.73
C ARG A 84 -15.11 1.27 21.25
N PRO A 85 -14.96 2.41 20.54
CA PRO A 85 -14.77 2.36 19.10
C PRO A 85 -13.50 1.63 18.70
N GLY A 86 -13.48 1.13 17.47
CA GLY A 86 -12.31 0.43 16.94
C GLY A 86 -12.18 -0.98 17.47
N GLU A 87 -13.26 -1.55 17.99
CA GLU A 87 -13.24 -2.91 18.50
C GLU A 87 -14.11 -3.76 17.62
N PHE A 88 -13.86 -5.06 17.63
CA PHE A 88 -14.77 -5.98 16.96
C PHE A 88 -14.79 -7.35 17.63
N THR A 89 -15.94 -8.02 17.46
CA THR A 89 -16.18 -9.33 18.03
C THR A 89 -16.62 -10.23 16.89
N VAL A 90 -16.06 -11.42 16.84
CA VAL A 90 -16.33 -12.36 15.79
C VAL A 90 -17.31 -13.41 16.25
N GLN A 91 -18.16 -13.82 15.32
CA GLN A 91 -19.17 -14.81 15.55
C GLN A 91 -18.99 -15.89 14.50
N ALA A 92 -19.83 -16.92 14.58
CA ALA A 92 -19.70 -18.09 13.71
C ALA A 92 -20.11 -17.86 12.25
N ASN A 93 -20.87 -16.80 11.98
CA ASN A 93 -21.17 -16.34 10.61
C ASN A 93 -21.23 -14.82 10.41
N SER A 94 -20.76 -14.07 11.41
CA SER A 94 -20.93 -12.63 11.45
C SER A 94 -19.83 -11.96 12.27
N ILE A 95 -19.66 -10.66 12.03
CA ILE A 95 -18.82 -9.81 12.86
C ILE A 95 -19.56 -8.54 13.31
N GLU A 96 -19.47 -8.24 14.60
CA GLU A 96 -19.93 -6.95 15.14
C GLU A 96 -18.75 -6.03 15.46
N MET A 97 -18.90 -4.76 15.13
CA MET A 97 -17.81 -3.84 15.18
C MET A 97 -18.31 -2.42 15.34
N ILE A 98 -17.44 -1.57 15.87
CA ILE A 98 -17.76 -0.18 16.01
C ILE A 98 -16.86 0.57 15.04
N ARG A 99 -17.42 0.96 13.90
CA ARG A 99 -16.68 1.71 12.89
C ARG A 99 -16.36 3.12 13.38
N ARG A 100 -15.08 3.39 13.55
CA ARG A 100 -14.67 4.54 14.30
C ARG A 100 -15.06 5.84 13.62
N PRO A 101 -15.27 6.88 14.43
CA PRO A 101 -15.53 8.12 13.79
C PRO A 101 -14.37 8.39 12.86
N PHE A 102 -14.67 9.02 11.73
CA PHE A 102 -13.67 9.46 10.84
C PHE A 102 -14.31 10.53 10.05
N ASP A 103 -13.48 11.48 9.62
CA ASP A 103 -13.92 12.61 8.89
C ASP A 103 -13.64 12.42 7.40
N PHE A 104 -14.51 11.64 6.74
CA PHE A 104 -14.33 11.32 5.33
C PHE A 104 -14.60 12.56 4.52
N PRO A 105 -13.84 12.75 3.45
CA PRO A 105 -14.10 13.76 2.41
C PRO A 105 -15.56 13.79 1.92
N ASP A 106 -16.15 12.61 1.75
CA ASP A 106 -17.53 12.50 1.25
C ASP A 106 -18.60 12.86 2.29
N SER A 107 -18.37 12.47 3.54
CA SER A 107 -19.11 13.01 4.67
C SER A 107 -18.34 12.77 5.95
N LYS A 108 -18.27 13.77 6.81
CA LYS A 108 -17.86 13.51 8.20
C LYS A 108 -18.80 12.43 8.76
N GLU A 109 -18.34 11.61 9.68
CA GLU A 109 -19.18 10.55 10.24
C GLU A 109 -18.73 10.26 11.66
N GLY A 110 -19.50 9.46 12.38
CA GLY A 110 -19.18 9.17 13.76
C GLY A 110 -18.95 7.69 14.00
N GLN A 111 -19.05 7.31 15.27
CA GLN A 111 -19.13 5.91 15.65
C GLN A 111 -20.31 5.33 14.89
N VAL A 112 -20.18 4.09 14.43
CA VAL A 112 -21.36 3.32 14.03
C VAL A 112 -21.24 1.86 14.45
N ARG A 113 -22.26 1.30 15.10
CA ARG A 113 -22.20 -0.08 15.51
C ARG A 113 -22.81 -0.85 14.37
N ALA A 114 -22.07 -1.82 13.84
CA ALA A 114 -22.58 -2.57 12.70
C ALA A 114 -22.27 -4.04 12.77
N ARG A 115 -23.19 -4.85 12.29
CA ARG A 115 -23.02 -6.27 12.27
C ARG A 115 -22.88 -6.63 10.83
N LEU A 116 -21.72 -7.18 10.47
CA LEU A 116 -21.49 -7.70 9.14
C LEU A 116 -21.82 -9.16 9.18
N THR A 117 -22.72 -9.56 8.29
CA THR A 117 -23.12 -10.96 8.22
C THR A 117 -22.70 -11.59 6.91
N PHE A 118 -22.22 -12.82 7.03
CA PHE A 118 -21.58 -13.48 5.92
C PHE A 118 -22.32 -14.77 5.57
N ASP A 119 -22.27 -15.13 4.29
CA ASP A 119 -22.68 -16.44 3.78
C ASP A 119 -21.72 -16.80 2.64
N GLY A 120 -20.67 -17.54 2.97
CA GLY A 120 -19.80 -18.08 1.95
C GLY A 120 -18.68 -17.11 1.70
N ASP A 121 -18.42 -16.83 0.43
CA ASP A 121 -17.39 -15.85 0.04
C ASP A 121 -17.91 -14.41 0.07
N HIS A 122 -19.22 -14.24 0.06
CA HIS A 122 -19.77 -12.91 0.00
C HIS A 122 -20.27 -12.42 1.35
N LEU A 123 -20.16 -11.12 1.55
CA LEU A 123 -20.71 -10.48 2.73
C LEU A 123 -22.16 -10.29 2.38
N ALA A 124 -23.06 -10.82 3.20
CA ALA A 124 -24.48 -10.87 2.82
C ALA A 124 -25.20 -9.56 3.07
N THR A 125 -25.07 -9.03 4.28
CA THR A 125 -25.70 -7.79 4.69
C THR A 125 -24.71 -7.01 5.54
N ILE A 126 -25.11 -5.82 5.97
CA ILE A 126 -24.36 -5.00 6.91
C ILE A 126 -25.36 -4.15 7.67
N VAL A 127 -25.50 -4.41 8.97
CA VAL A 127 -26.61 -3.82 9.69
C VAL A 127 -26.25 -2.85 10.79
N ASN A 128 -26.97 -1.73 10.81
CA ASN A 128 -26.90 -0.78 11.89
C ASN A 128 -27.64 -1.36 13.06
N MET A 129 -26.97 -1.41 14.20
CA MET A 129 -27.54 -2.10 15.34
C MET A 129 -28.38 -1.17 16.26
N GLU A 130 -28.70 0.05 15.79
CA GLU A 130 -29.67 0.95 16.44
C GLU A 130 -31.02 1.02 15.72
N ASN A 131 -31.05 0.64 14.46
CA ASN A 131 -32.28 0.73 13.73
C ASN A 131 -32.56 -0.52 12.94
N ASN A 132 -31.74 -1.54 13.16
CA ASN A 132 -31.78 -2.74 12.34
C ASN A 132 -32.02 -2.51 10.86
N ARG A 133 -31.40 -1.44 10.36
CA ARG A 133 -31.54 -1.07 8.97
C ARG A 133 -30.23 -1.41 8.25
N GLN A 134 -30.40 -1.85 7.01
CA GLN A 134 -29.29 -2.20 6.18
C GLN A 134 -28.51 -0.97 5.71
N PHE A 135 -27.33 -1.27 5.20
CA PHE A 135 -26.48 -0.30 4.57
C PHE A 135 -26.33 -0.72 3.13
N GLY A 136 -26.60 0.25 2.27
CA GLY A 136 -26.32 0.10 0.87
C GLY A 136 -24.84 -0.07 0.80
N PHE A 137 -24.12 0.93 1.23
CA PHE A 137 -22.71 0.71 1.42
C PHE A 137 -22.29 1.29 2.75
N PHE A 138 -21.11 0.86 3.18
CA PHE A 138 -20.61 1.12 4.51
C PHE A 138 -19.16 1.50 4.47
N ARG A 139 -18.84 2.62 5.08
CA ARG A 139 -17.50 3.12 4.94
C ARG A 139 -16.63 2.57 6.03
N LEU A 140 -15.45 2.15 5.64
CA LEU A 140 -14.41 1.76 6.56
C LEU A 140 -13.31 2.83 6.50
N ASP A 141 -12.96 3.41 7.66
CA ASP A 141 -11.97 4.49 7.75
C ASP A 141 -10.58 4.06 7.36
N PRO A 142 -9.79 4.95 6.76
CA PRO A 142 -8.50 4.52 6.24
C PRO A 142 -7.48 4.52 7.36
N ARG A 143 -6.50 3.63 7.32
CA ARG A 143 -5.48 3.65 8.35
C ARG A 143 -4.60 4.83 8.09
N LEU A 144 -4.19 5.47 9.17
CA LEU A 144 -3.18 6.52 9.10
C LEU A 144 -1.82 5.87 8.86
N ILE A 145 -1.27 6.08 7.67
CA ILE A 145 0.01 5.46 7.32
C ILE A 145 1.18 6.19 7.95
N THR A 146 1.21 7.50 7.75
CA THR A 146 2.32 8.32 8.22
C THR A 146 2.00 9.80 8.20
N MET A 147 2.97 10.56 8.69
CA MET A 147 2.97 11.99 8.59
C MET A 147 4.19 12.40 7.77
N ILE A 148 4.09 13.56 7.13
CA ILE A 148 5.24 14.18 6.50
C ILE A 148 5.71 15.23 7.48
N SER A 149 6.98 15.60 7.48
CA SER A 149 7.47 16.59 8.45
C SER A 149 7.17 18.02 8.03
N SER A 150 7.30 18.94 9.00
CA SER A 150 7.38 20.38 8.74
C SER A 150 8.87 20.74 8.75
N PRO A 151 9.28 21.80 8.01
CA PRO A 151 10.68 22.24 8.10
C PRO A 151 11.11 22.50 9.55
N ASN A 152 10.23 23.21 10.26
CA ASN A 152 10.25 23.33 11.73
C ASN A 152 10.78 22.05 12.42
N GLY A 153 10.14 20.91 12.10
CA GLY A 153 10.49 19.63 12.70
C GLY A 153 9.77 19.39 14.01
N GLU A 154 8.46 19.66 14.00
CA GLU A 154 7.59 19.30 15.10
C GLU A 154 6.32 18.68 14.51
N GLN A 155 5.96 17.49 15.00
CA GLN A 155 4.85 16.71 14.44
C GLN A 155 3.67 16.54 15.44
N ARG A 156 2.51 17.11 15.09
CA ARG A 156 1.27 17.04 15.91
C ARG A 156 0.12 16.45 15.11
N LEU A 157 -1.04 16.34 15.73
CA LEU A 157 -2.23 15.88 15.02
C LEU A 157 -3.45 16.49 15.67
N PHE A 158 -3.96 17.59 15.09
CA PHE A 158 -5.03 18.40 15.69
C PHE A 158 -6.34 17.61 15.90
N VAL A 159 -6.82 17.61 17.15
CA VAL A 159 -8.04 16.94 17.53
C VAL A 159 -8.88 17.93 18.34
N PRO A 160 -10.21 17.92 18.14
CA PRO A 160 -11.02 18.80 18.96
C PRO A 160 -10.90 18.42 20.43
N ARG A 161 -11.24 19.33 21.33
CA ARG A 161 -11.21 19.03 22.76
C ARG A 161 -12.24 17.96 23.13
N SER A 162 -13.32 17.93 22.35
CA SER A 162 -14.39 16.95 22.50
C SER A 162 -14.04 15.59 21.93
N GLY A 163 -12.90 15.51 21.25
CA GLY A 163 -12.40 14.25 20.74
C GLY A 163 -11.72 13.47 21.82
N PHE A 164 -11.18 14.18 22.82
CA PHE A 164 -10.55 13.51 23.96
C PHE A 164 -11.64 13.06 24.94
N PRO A 165 -11.56 11.82 25.44
CA PRO A 165 -12.56 11.45 26.43
C PRO A 165 -12.47 12.37 27.65
N ASP A 166 -13.63 12.81 28.17
CA ASP A 166 -13.70 13.57 29.43
C ASP A 166 -12.90 12.88 30.54
N LEU A 167 -12.75 11.55 30.41
CA LEU A 167 -11.95 10.72 31.31
C LEU A 167 -10.48 11.08 31.29
N LEU A 168 -9.84 10.97 30.12
CA LEU A 168 -8.43 11.35 29.95
C LEU A 168 -8.15 12.75 30.51
N VAL A 169 -9.10 13.67 30.31
CA VAL A 169 -8.97 15.01 30.86
C VAL A 169 -8.85 14.94 32.37
N ASP A 170 -9.68 14.11 32.99
CA ASP A 170 -9.64 13.97 34.45
C ASP A 170 -8.36 13.27 34.91
N THR A 171 -7.82 12.36 34.09
CA THR A 171 -6.52 11.73 34.36
C THR A 171 -5.40 12.76 34.23
N LEU A 172 -5.55 13.67 33.27
CA LEU A 172 -4.67 14.82 33.12
C LEU A 172 -4.76 15.69 34.37
N LEU A 173 -5.97 16.20 34.63
CA LEU A 173 -6.22 17.09 35.75
C LEU A 173 -5.71 16.51 37.06
N ALA A 174 -6.24 15.35 37.44
CA ALA A 174 -5.86 14.69 38.70
C ALA A 174 -4.35 14.65 38.95
N THR A 175 -3.56 14.65 37.88
CA THR A 175 -2.10 14.66 38.01
C THR A 175 -1.45 16.04 37.87
N GLU A 176 -2.02 16.92 37.04
CA GLU A 176 -1.34 18.19 36.67
C GLU A 176 -2.09 19.52 36.94
N ASP A 177 -3.33 19.48 37.46
CA ASP A 177 -4.08 20.72 37.81
C ASP A 177 -5.45 20.48 38.43
N THR A 210 -1.85 23.94 37.66
CA THR A 210 -0.84 24.66 36.90
C THR A 210 -0.75 24.07 35.48
N LEU A 211 -1.76 24.34 34.65
CA LEU A 211 -1.79 23.85 33.26
C LEU A 211 -1.65 24.98 32.27
N THR A 212 -2.61 25.91 32.33
CA THR A 212 -2.54 27.16 31.58
C THR A 212 -1.16 27.81 31.81
N GLN A 213 -0.59 27.54 32.98
CA GLN A 213 0.81 27.84 33.29
C GLN A 213 1.81 27.12 32.37
N GLN A 214 1.75 25.79 32.36
CA GLN A 214 2.66 24.97 31.54
C GLN A 214 2.50 25.41 30.09
N LEU A 215 1.27 25.30 29.63
CA LEU A 215 0.89 25.55 28.26
C LEU A 215 1.73 26.67 27.67
N VAL A 216 1.60 27.86 28.25
CA VAL A 216 2.17 29.07 27.66
C VAL A 216 3.66 28.93 27.33
N LYS A 217 4.42 28.36 28.26
CA LYS A 217 5.85 28.25 28.08
C LYS A 217 6.18 27.52 26.80
N ASN A 218 5.58 26.34 26.63
CA ASN A 218 5.83 25.48 25.48
C ASN A 218 5.57 26.17 24.14
N LEU A 219 4.42 26.83 24.02
CA LEU A 219 4.06 27.46 22.76
C LEU A 219 4.63 28.85 22.65
N PHE A 220 5.15 29.40 23.75
CA PHE A 220 5.58 30.80 23.77
C PHE A 220 7.02 31.10 24.15
N LEU A 221 7.51 30.50 25.22
CA LEU A 221 8.75 30.95 25.81
C LEU A 221 9.82 29.89 25.64
N SER A 222 11.07 30.25 25.94
CA SER A 222 12.16 29.27 25.93
C SER A 222 11.95 28.31 27.09
N SER A 223 12.88 27.38 27.30
CA SER A 223 12.79 26.47 28.45
C SER A 223 13.94 26.73 29.43
N GLU A 224 13.56 27.01 30.68
CA GLU A 224 14.49 27.19 31.81
C GLU A 224 15.64 28.17 31.56
N ARG A 225 15.32 29.32 30.96
CA ARG A 225 16.32 30.35 30.70
C ARG A 225 16.48 31.35 31.85
N SER A 226 15.41 31.60 32.59
CA SER A 226 15.49 32.42 33.82
C SER A 226 14.18 32.44 34.62
N TYR A 227 14.28 32.84 35.90
CA TYR A 227 13.11 33.29 36.67
C TYR A 227 12.37 34.35 35.87
N TRP A 228 13.14 35.26 35.26
CA TRP A 228 12.62 36.33 34.38
C TRP A 228 11.49 35.92 33.44
N ARG A 229 11.51 34.66 33.01
CA ARG A 229 10.49 34.11 32.13
C ARG A 229 9.31 33.52 32.90
N LYS A 230 9.57 32.83 34.01
CA LYS A 230 8.46 32.27 34.80
C LYS A 230 7.48 33.38 35.18
N ALA A 231 8.01 34.58 35.40
CA ALA A 231 7.19 35.75 35.65
C ALA A 231 6.31 36.09 34.44
N ASN A 232 6.96 36.31 33.29
CA ASN A 232 6.27 36.35 31.99
C ASN A 232 5.14 35.33 31.93
N GLU A 233 5.48 34.09 32.26
CA GLU A 233 4.52 32.97 32.30
C GLU A 233 3.31 33.28 33.19
N ALA A 234 3.53 33.34 34.51
CA ALA A 234 2.44 33.60 35.44
C ALA A 234 1.57 34.75 34.94
N TYR A 235 2.21 35.77 34.36
CA TYR A 235 1.52 36.96 33.88
C TYR A 235 0.67 36.71 32.65
N MET A 236 1.29 36.14 31.61
CA MET A 236 0.58 35.61 30.46
C MET A 236 -0.49 34.58 30.89
N ALA A 237 -0.11 33.67 31.79
CA ALA A 237 -0.95 32.54 32.22
C ALA A 237 -2.34 32.94 32.73
N LEU A 238 -2.49 34.19 33.16
CA LEU A 238 -3.80 34.70 33.55
C LEU A 238 -4.43 35.62 32.47
N ILE A 239 -3.60 36.17 31.59
CA ILE A 239 -4.07 36.82 30.36
C ILE A 239 -4.79 35.79 29.50
N MET A 240 -4.14 34.63 29.30
CA MET A 240 -4.77 33.52 28.60
C MET A 240 -6.05 33.11 29.33
N ASP A 241 -5.92 32.57 30.54
CA ASP A 241 -7.08 32.00 31.23
C ASP A 241 -8.19 33.03 31.31
N ALA A 242 -7.83 34.31 31.19
CA ALA A 242 -8.84 35.36 31.02
C ALA A 242 -9.49 35.36 29.62
N ARG A 243 -8.68 35.55 28.57
CA ARG A 243 -9.19 35.76 27.22
C ARG A 243 -9.73 34.52 26.49
N TYR A 244 -9.16 33.35 26.78
CA TYR A 244 -9.58 32.11 26.14
C TYR A 244 -10.10 31.13 27.18
N SER A 245 -11.23 30.50 26.88
CA SER A 245 -11.98 29.71 27.87
C SER A 245 -11.25 28.44 28.29
N LYS A 246 -11.60 27.93 29.47
CA LYS A 246 -10.95 26.74 30.03
C LYS A 246 -11.06 25.58 29.05
N ASP A 247 -12.26 25.47 28.46
CA ASP A 247 -12.61 24.48 27.44
C ASP A 247 -11.59 24.51 26.26
N ARG A 248 -11.20 25.70 25.82
CA ARG A 248 -10.23 25.89 24.69
C ARG A 248 -8.77 25.71 25.07
N ILE A 249 -8.45 25.97 26.32
CA ILE A 249 -7.09 25.91 26.81
C ILE A 249 -6.55 24.50 26.60
N LEU A 250 -7.26 23.52 27.15
CA LEU A 250 -6.80 22.13 27.07
C LEU A 250 -7.04 21.47 25.70
N GLU A 251 -7.67 22.20 24.77
CA GLU A 251 -7.55 21.90 23.34
C GLU A 251 -6.12 22.24 22.89
N LEU A 252 -5.67 23.47 23.19
CA LEU A 252 -4.30 23.91 22.88
C LEU A 252 -3.21 23.18 23.70
N TYR A 253 -3.53 22.75 24.91
CA TYR A 253 -2.57 22.05 25.75
C TYR A 253 -2.29 20.69 25.15
N MET A 254 -3.33 19.87 25.05
CA MET A 254 -3.19 18.46 24.65
C MET A 254 -2.73 18.24 23.20
N ASN A 255 -2.64 19.31 22.41
CA ASN A 255 -2.00 19.29 21.09
C ASN A 255 -0.62 19.95 21.06
N GLU A 256 -0.05 20.26 22.24
CA GLU A 256 1.29 20.86 22.35
C GLU A 256 2.30 20.00 23.14
N VAL A 257 1.84 19.31 24.16
CA VAL A 257 2.71 18.55 25.07
C VAL A 257 3.69 17.58 24.39
N TYR A 258 5.00 17.80 24.56
CA TYR A 258 6.03 16.92 23.97
C TYR A 258 6.03 15.52 24.63
N LEU A 259 5.72 14.48 23.86
CA LEU A 259 5.47 13.13 24.41
C LEU A 259 6.30 11.98 23.82
N GLY A 260 7.15 12.25 22.84
CA GLY A 260 7.98 11.19 22.26
C GLY A 260 8.92 11.73 21.22
N GLN A 261 9.79 10.88 20.69
CA GLN A 261 10.78 11.31 19.69
C GLN A 261 10.95 10.35 18.50
N SER A 262 11.16 10.91 17.30
CA SER A 262 11.36 10.12 16.10
C SER A 262 12.40 10.73 15.18
N GLY A 263 13.66 10.41 15.43
CA GLY A 263 14.78 11.05 14.75
C GLY A 263 14.90 12.47 15.27
N ASP A 264 14.97 13.45 14.35
CA ASP A 264 15.13 14.88 14.69
C ASP A 264 13.81 15.66 14.69
N ASN A 265 12.69 14.95 14.64
CA ASN A 265 11.38 15.58 14.79
C ASN A 265 10.72 15.18 16.08
N GLU A 266 10.32 16.20 16.83
CA GLU A 266 9.68 16.01 18.13
C GLU A 266 8.20 15.65 17.99
N ILE A 267 7.81 14.59 18.69
CA ILE A 267 6.40 14.13 18.70
C ILE A 267 5.65 14.81 19.84
N ARG A 268 4.78 15.75 19.46
CA ARG A 268 4.06 16.55 20.42
C ARG A 268 2.57 16.41 20.17
N GLY A 269 1.81 16.22 21.25
CA GLY A 269 0.35 16.09 21.20
C GLY A 269 -0.12 14.74 21.71
N PHE A 270 -1.09 14.77 22.62
CA PHE A 270 -1.75 13.55 23.08
C PHE A 270 -2.27 12.72 21.92
N PRO A 271 -2.89 13.37 20.92
CA PRO A 271 -3.42 12.59 19.83
C PRO A 271 -2.36 11.71 19.23
N LEU A 272 -1.31 12.33 18.71
CA LEU A 272 -0.34 11.62 17.88
C LEU A 272 0.44 10.58 18.66
N ALA A 273 0.69 10.89 19.93
CA ALA A 273 1.39 9.98 20.82
C ALA A 273 0.67 8.65 20.91
N SER A 274 -0.64 8.70 21.08
CA SER A 274 -1.48 7.50 21.18
C SER A 274 -1.14 6.52 20.07
N LEU A 275 -1.17 7.03 18.84
CA LEU A 275 -0.83 6.25 17.66
C LEU A 275 0.59 5.78 17.80
N TYR A 276 1.52 6.73 17.90
CA TYR A 276 2.96 6.44 17.94
C TYR A 276 3.28 5.24 18.81
N TYR A 277 2.86 5.29 20.06
CA TYR A 277 3.21 4.29 21.07
C TYR A 277 2.35 3.04 21.02
N PHE A 278 1.05 3.22 20.77
CA PHE A 278 0.10 2.12 20.86
C PHE A 278 -0.45 1.68 19.51
N GLY A 279 -0.85 2.66 18.69
CA GLY A 279 -1.45 2.39 17.39
C GLY A 279 -2.97 2.55 17.37
N ARG A 280 -3.47 3.47 18.18
CA ARG A 280 -4.91 3.75 18.25
C ARG A 280 -5.14 5.24 18.54
N PRO A 281 -6.32 5.78 18.19
CA PRO A 281 -6.53 7.20 18.48
C PRO A 281 -6.72 7.45 19.97
N VAL A 282 -6.25 8.59 20.44
CA VAL A 282 -6.32 8.96 21.85
C VAL A 282 -7.66 8.58 22.49
N GLU A 283 -8.73 8.82 21.74
CA GLU A 283 -10.09 8.53 22.19
C GLU A 283 -10.29 7.05 22.50
N GLU A 284 -9.65 6.16 21.76
CA GLU A 284 -9.76 4.73 22.04
C GLU A 284 -8.70 4.19 23.02
N LEU A 285 -7.90 5.07 23.63
CA LEU A 285 -6.89 4.63 24.60
C LEU A 285 -7.47 3.96 25.84
N SER A 286 -6.96 2.79 26.21
CA SER A 286 -7.27 2.21 27.51
C SER A 286 -6.57 3.05 28.59
N LEU A 287 -6.98 2.90 29.84
CA LEU A 287 -6.50 3.78 30.91
C LEU A 287 -5.00 3.59 31.23
N ASP A 288 -4.52 2.35 31.14
CA ASP A 288 -3.09 2.05 31.35
C ASP A 288 -2.21 2.84 30.37
N GLN A 289 -2.73 3.06 29.18
CA GLN A 289 -2.05 3.79 28.12
C GLN A 289 -2.15 5.29 28.32
N GLN A 290 -3.35 5.76 28.64
CA GLN A 290 -3.57 7.17 28.96
C GLN A 290 -2.66 7.60 30.10
N ALA A 291 -2.56 6.72 31.11
CA ALA A 291 -1.66 6.96 32.24
C ALA A 291 -0.25 7.18 31.73
N LEU A 292 0.27 6.20 30.98
CA LEU A 292 1.60 6.33 30.41
C LEU A 292 1.74 7.71 29.79
N LEU A 293 0.81 8.07 28.92
CA LEU A 293 0.82 9.38 28.28
C LEU A 293 0.88 10.49 29.30
N VAL A 294 -0.11 10.52 30.18
CA VAL A 294 -0.26 11.62 31.13
C VAL A 294 0.93 11.65 32.08
N GLY A 295 1.43 10.48 32.45
CA GLY A 295 2.65 10.38 33.25
C GLY A 295 3.88 10.90 32.50
N MET A 296 3.88 10.72 31.19
CA MET A 296 5.01 11.14 30.35
C MET A 296 5.07 12.65 30.08
N VAL A 297 4.05 13.40 30.47
CA VAL A 297 3.98 14.82 30.10
C VAL A 297 5.18 15.57 30.67
N LYS A 298 5.52 15.25 31.92
CA LYS A 298 6.71 15.82 32.55
C LYS A 298 7.93 15.32 31.79
N GLY A 299 8.15 14.00 31.81
CA GLY A 299 9.39 13.41 31.34
C GLY A 299 9.17 12.76 30.00
N ALA A 300 9.82 13.27 28.97
CA ALA A 300 9.51 12.87 27.61
C ALA A 300 10.54 11.94 26.96
N SER A 301 11.65 11.69 27.63
CA SER A 301 12.65 10.77 27.09
C SER A 301 13.09 9.78 28.14
N ILE A 302 13.26 10.23 29.39
CA ILE A 302 13.52 9.32 30.50
C ILE A 302 12.29 8.46 30.81
N TYR A 303 11.09 8.93 30.47
CA TYR A 303 9.91 8.08 30.63
C TYR A 303 9.50 7.34 29.36
N ASN A 304 10.29 7.53 28.29
CA ASN A 304 10.21 6.73 27.05
C ASN A 304 10.24 5.22 27.33
N PRO A 305 9.25 4.46 26.80
CA PRO A 305 9.22 3.01 27.11
C PRO A 305 10.34 2.24 26.41
N TRP A 306 10.49 2.46 25.11
CA TRP A 306 11.52 1.79 24.31
C TRP A 306 12.82 1.69 25.09
N ARG A 307 13.28 2.84 25.58
CA ARG A 307 14.61 2.97 26.16
C ARG A 307 14.68 2.28 27.52
N ASN A 308 13.84 2.72 28.44
CA ASN A 308 13.85 2.19 29.80
C ASN A 308 12.48 1.67 30.22
N PRO A 309 12.33 0.35 30.30
CA PRO A 309 11.05 -0.14 30.80
C PRO A 309 10.83 0.27 32.26
N LYS A 310 11.76 -0.14 33.13
CA LYS A 310 11.68 0.11 34.58
C LYS A 310 11.17 1.51 34.91
N LEU A 311 11.91 2.54 34.45
CA LEU A 311 11.57 3.94 34.72
C LEU A 311 10.21 4.34 34.13
N ALA A 312 9.82 3.72 33.02
CA ALA A 312 8.53 3.98 32.36
C ALA A 312 7.38 3.35 33.14
N LEU A 313 7.55 2.08 33.48
CA LEU A 313 6.57 1.33 34.25
C LEU A 313 6.44 1.94 35.65
N GLU A 314 7.59 2.26 36.27
CA GLU A 314 7.65 2.89 37.60
C GLU A 314 6.98 4.27 37.62
N ARG A 315 6.97 4.97 36.48
CA ARG A 315 6.24 6.22 36.35
C ARG A 315 4.73 5.99 36.20
N ARG A 316 4.36 5.02 35.37
CA ARG A 316 2.95 4.72 35.16
C ARG A 316 2.28 4.27 36.46
N ASN A 317 2.90 3.33 37.18
CA ASN A 317 2.34 2.81 38.45
C ASN A 317 2.23 3.89 39.53
N LEU A 318 3.01 4.95 39.39
CA LEU A 318 2.85 6.15 40.19
C LEU A 318 1.53 6.86 39.80
N VAL A 319 1.33 7.08 38.50
CA VAL A 319 0.11 7.78 38.01
C VAL A 319 -1.15 6.98 38.28
N LEU A 320 -1.05 5.65 38.25
CA LEU A 320 -2.14 4.77 38.64
C LEU A 320 -2.55 4.95 40.10
N ARG A 321 -1.59 5.33 40.94
CA ARG A 321 -1.87 5.62 42.35
C ARG A 321 -2.13 7.12 42.62
N LEU A 322 -1.91 7.98 41.62
CA LEU A 322 -2.23 9.41 41.78
C LEU A 322 -3.73 9.69 41.66
N LEU A 323 -4.49 8.72 41.17
CA LEU A 323 -5.94 8.82 41.07
C LEU A 323 -6.66 7.93 42.12
N GLN A 324 -5.87 7.21 42.93
CA GLN A 324 -6.42 6.36 44.02
C GLN A 324 -6.78 7.18 45.26
N GLN A 325 -5.98 8.19 45.57
CA GLN A 325 -6.35 9.22 46.54
C GLN A 325 -7.62 9.87 46.04
N GLN A 326 -7.63 10.14 44.74
CA GLN A 326 -8.83 10.61 44.05
C GLN A 326 -9.93 9.55 44.05
N GLN A 327 -11.16 10.05 44.03
CA GLN A 327 -12.36 9.21 44.14
C GLN A 327 -12.48 8.16 43.03
N ILE A 328 -11.98 8.51 41.85
CA ILE A 328 -12.21 7.73 40.62
C ILE A 328 -11.84 6.26 40.74
N ILE A 329 -10.66 5.97 41.28
CA ILE A 329 -10.14 4.61 41.35
C ILE A 329 -10.47 3.89 42.66
N ASP A 330 -10.97 2.66 42.51
CA ASP A 330 -11.23 1.76 43.61
C ASP A 330 -10.12 0.73 43.65
N GLN A 331 -9.63 0.41 44.85
CA GLN A 331 -8.51 -0.53 45.03
C GLN A 331 -8.51 -1.71 44.07
N GLU A 332 -9.66 -2.36 43.94
CA GLU A 332 -9.83 -3.48 43.01
C GLU A 332 -9.28 -3.19 41.59
N LEU A 333 -9.51 -1.98 41.09
CA LEU A 333 -9.03 -1.58 39.75
C LEU A 333 -7.51 -1.40 39.79
N TYR A 334 -7.07 -0.39 40.53
CA TYR A 334 -5.65 0.01 40.64
C TYR A 334 -4.65 -1.16 40.57
N ASP A 335 -4.76 -2.11 41.50
CA ASP A 335 -3.84 -3.26 41.52
C ASP A 335 -3.84 -4.03 40.20
N MET A 336 -4.99 -4.06 39.53
CA MET A 336 -5.16 -4.73 38.23
C MET A 336 -4.50 -3.94 37.10
N LEU A 337 -4.79 -2.65 37.02
CA LEU A 337 -4.28 -1.80 35.93
C LEU A 337 -2.75 -1.83 35.93
N SER A 338 -2.18 -1.62 37.12
CA SER A 338 -0.73 -1.69 37.34
C SER A 338 -0.16 -3.05 36.93
N ALA A 339 -0.90 -4.10 37.28
CA ALA A 339 -0.54 -5.46 36.88
C ALA A 339 -0.58 -5.63 35.35
N ARG A 340 -1.50 -4.95 34.68
CA ARG A 340 -1.60 -4.98 33.21
C ARG A 340 -0.49 -4.15 32.56
N PRO A 341 0.50 -4.82 31.91
CA PRO A 341 1.68 -4.10 31.41
C PRO A 341 1.33 -3.08 30.32
N LEU A 342 1.12 -1.85 30.77
CA LEU A 342 0.56 -0.75 29.98
C LEU A 342 1.12 -0.50 28.57
N GLY A 343 2.42 -0.70 28.40
CA GLY A 343 3.09 -0.27 27.19
C GLY A 343 2.98 -1.31 26.10
N VAL A 344 2.35 -0.95 24.99
CA VAL A 344 2.21 -1.87 23.86
C VAL A 344 3.40 -1.70 22.91
N GLN A 345 4.28 -2.69 22.95
CA GLN A 345 5.53 -2.68 22.19
C GLN A 345 5.32 -3.37 20.84
N PRO A 346 5.56 -2.64 19.73
CA PRO A 346 5.67 -3.37 18.46
C PRO A 346 6.74 -4.48 18.45
N ARG A 347 8.00 -4.24 18.86
CA ARG A 347 8.50 -2.95 19.36
C ARG A 347 9.42 -2.27 18.34
N GLY A 348 9.12 -1.01 18.03
CA GLY A 348 9.90 -0.23 17.07
C GLY A 348 9.82 1.25 17.35
N GLY A 349 10.81 1.98 16.85
CA GLY A 349 10.82 3.44 16.92
C GLY A 349 9.85 4.07 15.93
N VAL A 350 9.70 3.46 14.76
CA VAL A 350 8.77 3.90 13.70
C VAL A 350 9.07 5.36 13.29
N ILE A 351 10.30 5.62 12.87
CA ILE A 351 10.70 6.95 12.37
C ILE A 351 10.09 7.26 10.99
N SER A 352 10.31 6.36 10.03
CA SER A 352 9.96 6.56 8.64
C SER A 352 9.13 5.35 8.20
N PRO A 353 7.80 5.44 8.31
CA PRO A 353 7.03 4.25 8.01
C PRO A 353 6.70 4.16 6.51
N GLN A 354 6.64 2.93 5.99
CA GLN A 354 6.35 2.67 4.56
C GLN A 354 7.20 3.53 3.63
N PRO A 355 8.52 3.38 3.75
CA PRO A 355 9.41 4.31 3.10
C PRO A 355 9.34 4.23 1.61
N ALA A 356 9.18 3.00 1.10
CA ALA A 356 9.16 2.74 -0.37
C ALA A 356 7.90 3.33 -0.95
N PHE A 357 6.79 2.88 -0.43
CA PHE A 357 5.54 3.41 -0.89
C PHE A 357 5.58 4.93 -0.83
N MET A 358 6.04 5.51 0.27
CA MET A 358 6.06 7.00 0.42
C MET A 358 6.89 7.73 -0.65
N GLN A 359 7.97 7.09 -1.11
CA GLN A 359 8.77 7.66 -2.17
C GLN A 359 7.79 8.09 -3.22
N LEU A 360 6.95 7.16 -3.67
CA LEU A 360 6.04 7.38 -4.77
C LEU A 360 5.04 8.46 -4.44
N VAL A 361 4.43 8.32 -3.27
CA VAL A 361 3.52 9.35 -2.82
C VAL A 361 4.17 10.75 -2.97
N ARG A 362 5.36 10.92 -2.37
CA ARG A 362 6.02 12.23 -2.29
C ARG A 362 6.26 12.72 -3.70
N GLN A 363 6.83 11.84 -4.51
CA GLN A 363 6.96 12.05 -5.94
C GLN A 363 5.65 12.46 -6.61
N GLU A 364 4.53 11.82 -6.23
CA GLU A 364 3.22 12.15 -6.86
C GLU A 364 2.60 13.45 -6.35
N LEU A 365 2.93 13.86 -5.12
CA LEU A 365 2.50 15.17 -4.63
C LEU A 365 3.13 16.29 -5.41
N GLN A 366 4.40 16.12 -5.73
CA GLN A 366 5.18 17.14 -6.43
C GLN A 366 4.67 17.39 -7.83
N ALA A 367 4.34 16.30 -8.52
CA ALA A 367 3.96 16.38 -9.90
C ALA A 367 2.61 17.02 -10.05
N LYS A 368 1.68 16.62 -9.19
CA LYS A 368 0.28 17.10 -9.25
C LYS A 368 -0.04 18.39 -8.47
N LEU A 369 0.86 18.83 -7.59
CA LEU A 369 0.61 20.06 -6.81
C LEU A 369 1.82 20.99 -6.62
N GLY A 370 2.91 20.73 -7.31
CA GLY A 370 4.11 21.54 -7.15
C GLY A 370 4.58 21.64 -5.72
N ASP A 371 5.28 22.74 -5.42
CA ASP A 371 5.91 22.97 -4.12
C ASP A 371 4.93 23.47 -3.07
N LYS A 372 3.94 24.25 -3.51
CA LYS A 372 3.03 24.90 -2.57
C LYS A 372 2.01 23.94 -1.95
N VAL A 373 2.49 22.80 -1.48
CA VAL A 373 1.74 21.97 -0.55
C VAL A 373 2.28 22.29 0.85
N LYS A 374 3.61 22.34 0.98
CA LYS A 374 4.31 22.51 2.26
C LYS A 374 3.85 23.76 3.03
N ASP A 375 3.56 24.83 2.30
CA ASP A 375 3.00 26.04 2.91
C ASP A 375 1.79 25.70 3.76
N LEU A 376 0.86 24.98 3.16
CA LEU A 376 -0.47 24.76 3.74
C LEU A 376 -0.42 23.95 5.03
N SER A 377 -1.34 24.22 5.95
CA SER A 377 -1.38 23.51 7.24
C SER A 377 -2.63 22.61 7.41
N GLY A 378 -2.45 21.46 8.06
CA GLY A 378 -3.58 20.54 8.39
C GLY A 378 -4.09 19.80 7.17
N VAL A 379 -3.16 19.45 6.27
CA VAL A 379 -3.46 18.87 4.96
C VAL A 379 -3.67 17.39 5.14
N LYS A 380 -4.72 16.89 4.50
CA LYS A 380 -5.09 15.51 4.59
C LYS A 380 -4.93 14.84 3.20
N ILE A 381 -4.04 13.86 3.14
CA ILE A 381 -3.71 13.18 1.90
C ILE A 381 -4.14 11.72 1.89
N PHE A 382 -5.00 11.39 0.94
CA PHE A 382 -5.56 10.06 0.84
C PHE A 382 -4.94 9.24 -0.26
N THR A 383 -4.31 8.12 0.10
CA THR A 383 -3.58 7.32 -0.86
C THR A 383 -4.28 6.00 -1.23
N THR A 384 -3.68 5.28 -2.17
CA THR A 384 -4.27 4.08 -2.69
C THR A 384 -3.83 2.89 -1.84
N PHE A 385 -2.99 3.16 -0.83
CA PHE A 385 -2.26 2.15 -0.08
C PHE A 385 -3.19 1.14 0.55
N ASP A 386 -2.73 -0.11 0.55
CA ASP A 386 -3.50 -1.24 1.02
C ASP A 386 -2.72 -1.95 2.08
N SER A 387 -3.21 -1.92 3.31
CA SER A 387 -2.46 -2.48 4.45
C SER A 387 -2.41 -4.03 4.45
N VAL A 388 -3.42 -4.66 3.88
CA VAL A 388 -3.48 -6.11 3.91
C VAL A 388 -2.50 -6.66 2.90
N ALA A 389 -2.49 -6.00 1.75
CA ALA A 389 -1.55 -6.29 0.64
C ALA A 389 -0.16 -5.97 1.06
N GLN A 390 0.00 -4.81 1.71
CA GLN A 390 1.30 -4.44 2.25
C GLN A 390 1.85 -5.45 3.24
N ASP A 391 1.10 -5.80 4.29
CA ASP A 391 1.60 -6.78 5.25
C ASP A 391 2.01 -8.04 4.49
N ALA A 392 1.08 -8.53 3.69
CA ALA A 392 1.32 -9.74 2.88
C ALA A 392 2.62 -9.61 2.04
N ALA A 393 2.82 -8.42 1.46
CA ALA A 393 4.03 -8.13 0.74
C ALA A 393 5.25 -8.16 1.66
N GLU A 394 5.29 -7.30 2.67
CA GLU A 394 6.44 -7.21 3.56
C GLU A 394 6.79 -8.57 4.21
N LYS A 395 5.79 -9.24 4.75
CA LYS A 395 5.99 -10.58 5.24
C LYS A 395 6.70 -11.35 4.13
N ALA A 396 5.99 -11.52 3.01
CA ALA A 396 6.47 -12.34 1.91
C ALA A 396 7.95 -12.08 1.55
N ALA A 397 8.35 -10.82 1.52
CA ALA A 397 9.78 -10.53 1.43
C ALA A 397 10.50 -11.11 2.67
N VAL A 398 10.29 -10.51 3.84
CA VAL A 398 11.11 -10.77 5.04
C VAL A 398 11.38 -12.26 5.26
N GLU A 399 10.38 -13.10 5.00
CA GLU A 399 10.52 -14.57 5.17
C GLU A 399 10.98 -15.27 3.91
N GLY A 400 10.55 -14.73 2.77
CA GLY A 400 10.95 -15.26 1.48
C GLY A 400 12.44 -15.16 1.21
N ILE A 401 13.04 -14.02 1.49
CA ILE A 401 14.43 -13.82 1.10
C ILE A 401 15.43 -14.72 1.85
N PRO A 402 15.36 -14.74 3.19
CA PRO A 402 16.28 -15.61 3.90
C PRO A 402 16.04 -17.07 3.59
N ALA A 403 14.79 -17.46 3.36
CA ALA A 403 14.50 -18.85 2.99
C ALA A 403 15.13 -19.22 1.66
N LEU A 404 15.35 -18.22 0.81
CA LEU A 404 16.01 -18.41 -0.48
C LEU A 404 17.54 -18.25 -0.45
N LYS A 405 18.07 -17.48 0.49
CA LYS A 405 19.52 -17.53 0.73
C LYS A 405 19.85 -18.88 1.40
N LYS A 406 19.19 -19.19 2.51
CA LYS A 406 19.49 -20.41 3.22
C LYS A 406 19.36 -21.59 2.26
N GLN A 407 18.17 -21.78 1.71
CA GLN A 407 17.89 -22.89 0.79
C GLN A 407 18.94 -23.05 -0.33
N ARG A 408 19.44 -21.91 -0.84
CA ARG A 408 20.43 -21.86 -1.93
C ARG A 408 21.83 -21.41 -1.49
N LYS A 409 21.98 -21.10 -0.21
CA LYS A 409 23.27 -20.71 0.39
C LYS A 409 23.90 -19.50 -0.27
N LEU A 410 23.41 -18.32 0.09
CA LEU A 410 23.85 -17.06 -0.52
C LEU A 410 24.28 -16.03 0.50
N SER A 411 25.03 -15.06 0.01
CA SER A 411 25.47 -13.95 0.83
C SER A 411 24.39 -12.87 0.87
N ASP A 412 24.04 -12.37 -0.29
CA ASP A 412 22.96 -11.41 -0.41
C ASP A 412 21.93 -11.88 -1.43
N LEU A 413 20.67 -11.53 -1.15
CA LEU A 413 19.57 -11.70 -2.09
C LEU A 413 18.53 -10.64 -1.73
N GLU A 414 18.28 -9.71 -2.65
CA GLU A 414 17.31 -8.63 -2.44
C GLU A 414 16.06 -8.90 -3.25
N THR A 415 15.04 -8.06 -3.11
CA THR A 415 13.75 -8.40 -3.67
C THR A 415 12.93 -7.15 -3.75
N ALA A 416 11.94 -7.15 -4.65
CA ALA A 416 11.02 -6.02 -4.80
C ALA A 416 9.63 -6.46 -5.28
N ILE A 417 8.60 -5.90 -4.64
CA ILE A 417 7.24 -6.30 -4.86
C ILE A 417 6.40 -5.06 -5.09
N VAL A 418 5.62 -5.08 -6.15
CA VAL A 418 4.82 -3.93 -6.54
C VAL A 418 3.48 -4.49 -6.94
N VAL A 419 2.43 -3.98 -6.29
CA VAL A 419 1.09 -4.48 -6.43
C VAL A 419 0.19 -3.35 -6.72
N VAL A 420 -0.63 -3.47 -7.75
CA VAL A 420 -1.47 -2.38 -8.22
C VAL A 420 -2.77 -2.98 -8.74
N ASP A 421 -3.82 -2.18 -8.68
CA ASP A 421 -5.15 -2.55 -9.14
C ASP A 421 -5.10 -2.96 -10.59
N ARG A 422 -5.66 -4.12 -10.89
CA ARG A 422 -5.76 -4.60 -12.25
C ARG A 422 -6.35 -3.53 -13.19
N PHE A 423 -7.45 -2.89 -12.84
CA PHE A 423 -8.12 -1.98 -13.78
C PHE A 423 -7.90 -0.52 -13.51
N SER A 424 -7.59 -0.19 -12.28
CA SER A 424 -7.51 1.20 -11.92
C SER A 424 -6.08 1.66 -12.06
N GLY A 425 -5.13 0.73 -11.94
CA GLY A 425 -3.72 1.10 -11.80
C GLY A 425 -3.32 1.65 -10.41
N GLU A 426 -4.29 1.97 -9.55
CA GLU A 426 -4.00 2.40 -8.19
C GLU A 426 -2.99 1.46 -7.55
N VAL A 427 -1.95 1.99 -6.93
CA VAL A 427 -0.90 1.15 -6.33
C VAL A 427 -1.25 0.80 -4.90
N ARG A 428 -1.39 -0.50 -4.61
CA ARG A 428 -1.88 -1.01 -3.31
C ARG A 428 -0.74 -1.41 -2.37
N ALA A 429 0.37 -1.93 -2.89
CA ALA A 429 1.50 -2.26 -2.00
C ALA A 429 2.83 -2.12 -2.72
N MET A 430 3.89 -1.87 -1.95
CA MET A 430 5.20 -1.68 -2.55
C MET A 430 6.31 -1.97 -1.56
N VAL A 431 7.15 -2.93 -1.92
CA VAL A 431 8.23 -3.38 -1.10
C VAL A 431 9.51 -3.15 -1.90
N GLY A 432 10.45 -2.45 -1.28
CA GLY A 432 11.68 -2.07 -1.96
C GLY A 432 12.86 -2.98 -1.65
N GLY A 433 12.74 -3.79 -0.64
CA GLY A 433 13.84 -4.65 -0.28
C GLY A 433 13.37 -5.73 0.66
N SER A 434 14.25 -6.68 0.93
CA SER A 434 13.97 -7.79 1.82
C SER A 434 13.67 -7.34 3.22
N GLU A 435 14.30 -6.22 3.63
CA GLU A 435 14.07 -5.58 4.93
C GLU A 435 13.39 -4.23 4.71
N PRO A 436 12.05 -4.23 4.53
CA PRO A 436 11.30 -3.07 4.01
C PRO A 436 10.84 -2.05 5.04
N GLN A 437 10.91 -2.42 6.33
CA GLN A 437 10.58 -1.49 7.41
C GLN A 437 11.61 -0.39 7.42
N PHE A 438 12.88 -0.77 7.41
CA PHE A 438 14.00 0.14 7.65
C PHE A 438 14.87 0.27 6.42
N ALA A 439 14.75 1.39 5.69
CA ALA A 439 15.44 1.51 4.39
C ALA A 439 15.62 2.91 3.82
N GLY A 440 16.64 3.01 2.95
CA GLY A 440 16.91 4.20 2.11
C GLY A 440 17.01 3.95 0.59
N TYR A 441 16.99 2.68 0.16
CA TYR A 441 17.03 2.33 -1.24
C TYR A 441 15.83 1.47 -1.61
N ASN A 442 15.02 1.97 -2.54
CA ASN A 442 13.76 1.36 -2.88
C ASN A 442 13.82 0.70 -4.26
N ARG A 443 13.99 -0.62 -4.25
CA ARG A 443 14.22 -1.37 -5.48
C ARG A 443 12.97 -1.56 -6.32
N ALA A 444 11.84 -1.11 -5.79
CA ALA A 444 10.58 -1.09 -6.51
C ALA A 444 10.59 0.05 -7.51
N MET A 445 11.38 1.08 -7.20
CA MET A 445 11.38 2.33 -7.98
C MET A 445 12.75 2.73 -8.59
N GLN A 446 13.84 2.23 -8.03
CA GLN A 446 15.17 2.66 -8.47
C GLN A 446 15.96 1.57 -9.21
N ALA A 447 15.75 0.31 -8.82
CA ALA A 447 16.41 -0.82 -9.42
C ALA A 447 15.91 -1.06 -10.82
N ARG A 448 16.74 -0.68 -11.78
CA ARG A 448 16.41 -0.87 -13.18
C ARG A 448 17.15 -2.09 -13.63
N ARG A 449 16.40 -3.16 -13.85
CA ARG A 449 16.94 -4.46 -14.22
C ARG A 449 16.24 -5.02 -15.44
N SER A 450 17.04 -5.39 -16.42
CA SER A 450 16.56 -6.14 -17.56
C SER A 450 15.42 -7.08 -17.11
N ILE A 451 14.38 -7.21 -17.93
CA ILE A 451 13.25 -8.06 -17.59
C ILE A 451 13.31 -9.47 -18.16
N GLY A 452 14.16 -9.69 -19.15
CA GLY A 452 14.31 -11.00 -19.76
C GLY A 452 12.99 -11.52 -20.32
N SER A 453 12.51 -12.62 -19.76
CA SER A 453 11.27 -13.23 -20.21
C SER A 453 10.10 -12.27 -20.05
N LEU A 454 10.09 -11.53 -18.95
CA LEU A 454 9.03 -10.57 -18.68
C LEU A 454 8.70 -9.74 -19.92
N ALA A 455 9.35 -10.06 -21.03
CA ALA A 455 9.14 -9.36 -22.28
C ALA A 455 8.40 -10.14 -23.34
N LYS A 456 8.32 -11.45 -23.20
CA LYS A 456 7.65 -12.25 -24.21
C LYS A 456 6.21 -11.88 -24.63
N PRO A 457 5.32 -11.45 -23.74
CA PRO A 457 3.96 -11.17 -24.25
C PRO A 457 3.77 -9.87 -25.09
N ALA A 458 4.59 -8.86 -24.87
CA ALA A 458 4.63 -7.74 -25.80
C ALA A 458 4.51 -8.25 -27.21
N THR A 459 5.33 -9.27 -27.51
CA THR A 459 5.44 -9.81 -28.85
C THR A 459 4.13 -10.48 -29.26
N TYR A 460 3.65 -11.41 -28.43
CA TYR A 460 2.51 -12.22 -28.73
C TYR A 460 1.26 -11.36 -28.88
N LEU A 461 0.98 -10.49 -27.92
CA LEU A 461 -0.06 -9.42 -28.04
C LEU A 461 0.03 -8.62 -29.33
N THR A 462 1.24 -8.26 -29.70
CA THR A 462 1.44 -7.64 -30.98
C THR A 462 0.94 -8.59 -32.08
N ALA A 463 1.48 -9.79 -32.20
CA ALA A 463 0.96 -10.73 -33.17
C ALA A 463 -0.55 -10.88 -33.05
N LEU A 464 -1.02 -11.27 -31.86
CA LEU A 464 -2.44 -11.56 -31.57
C LEU A 464 -3.44 -10.40 -31.77
N SER A 465 -2.91 -9.17 -31.91
CA SER A 465 -3.69 -7.98 -32.34
C SER A 465 -4.09 -8.06 -33.77
N GLN A 466 -3.42 -8.91 -34.54
CA GLN A 466 -3.85 -9.12 -35.93
C GLN A 466 -4.69 -10.40 -36.11
N PRO A 467 -6.00 -10.35 -35.80
CA PRO A 467 -6.72 -11.62 -35.75
C PRO A 467 -6.91 -12.31 -37.09
N LYS A 468 -6.63 -11.60 -38.17
CA LYS A 468 -6.65 -12.21 -39.49
C LYS A 468 -5.46 -13.13 -39.80
N ILE A 469 -4.33 -12.86 -39.16
CA ILE A 469 -3.10 -13.54 -39.54
C ILE A 469 -2.51 -14.37 -38.39
N TYR A 470 -2.54 -13.85 -37.16
CA TYR A 470 -2.03 -14.57 -36.00
C TYR A 470 -3.15 -14.90 -35.06
N ARG A 471 -3.14 -16.15 -34.67
CA ARG A 471 -4.10 -16.75 -33.75
C ARG A 471 -3.31 -17.51 -32.70
N LEU A 472 -3.97 -18.08 -31.73
CA LEU A 472 -3.28 -18.91 -30.80
C LEU A 472 -2.81 -20.22 -31.47
N ASN A 473 -3.50 -20.70 -32.52
CA ASN A 473 -3.06 -21.90 -33.27
C ASN A 473 -2.15 -21.64 -34.49
N THR A 474 -1.67 -20.44 -34.60
CA THR A 474 -0.75 -20.15 -35.65
C THR A 474 0.54 -20.90 -35.37
N TRP A 475 1.06 -21.56 -36.41
CA TRP A 475 2.29 -22.35 -36.32
C TRP A 475 3.44 -21.47 -36.47
N ILE A 476 4.18 -21.19 -35.40
CA ILE A 476 5.54 -20.56 -35.51
C ILE A 476 6.63 -21.60 -35.73
N ALA A 477 7.64 -21.24 -36.51
CA ALA A 477 8.77 -22.13 -36.81
C ALA A 477 9.67 -22.35 -35.60
N ASP A 478 10.04 -23.59 -35.30
CA ASP A 478 11.01 -23.90 -34.22
C ASP A 478 12.20 -24.70 -34.76
N ALA A 479 13.06 -23.94 -35.45
CA ALA A 479 14.35 -24.39 -36.02
C ALA A 479 15.42 -23.31 -35.73
N PRO A 480 16.72 -23.66 -35.85
CA PRO A 480 17.90 -22.77 -35.76
C PRO A 480 17.89 -21.42 -36.52
N ILE A 481 18.14 -20.36 -35.77
CA ILE A 481 18.16 -19.02 -36.24
C ILE A 481 19.61 -18.52 -36.28
N ALA A 482 19.89 -17.60 -37.21
CA ALA A 482 21.19 -16.90 -37.42
C ALA A 482 20.91 -15.43 -37.78
N LEU A 483 21.53 -14.46 -37.13
CA LEU A 483 21.15 -13.07 -37.42
C LEU A 483 22.24 -11.99 -37.56
N ARG A 484 22.80 -11.87 -38.76
CA ARG A 484 23.80 -10.84 -39.03
C ARG A 484 23.35 -9.52 -38.41
N GLN A 485 24.27 -8.84 -37.74
CA GLN A 485 24.10 -7.43 -37.36
C GLN A 485 25.11 -6.58 -38.15
N PRO A 486 24.96 -5.23 -38.15
CA PRO A 486 25.98 -4.40 -38.81
C PRO A 486 27.40 -4.89 -38.54
N ASN A 487 27.77 -5.04 -37.26
CA ASN A 487 29.04 -5.66 -36.90
C ASN A 487 29.17 -5.96 -35.42
N GLY A 488 29.91 -7.01 -35.05
CA GLY A 488 30.53 -7.97 -35.99
C GLY A 488 29.82 -9.31 -36.07
N GLN A 489 29.28 -9.75 -34.93
CA GLN A 489 28.70 -11.08 -34.78
C GLN A 489 27.49 -11.43 -35.67
N VAL A 490 27.10 -12.68 -35.53
CA VAL A 490 25.89 -13.25 -36.07
C VAL A 490 25.13 -13.79 -34.86
N TRP A 491 23.94 -13.25 -34.62
CA TRP A 491 23.10 -13.64 -33.49
C TRP A 491 22.30 -14.91 -33.74
N SER A 492 22.35 -15.80 -32.75
CA SER A 492 21.94 -17.17 -32.91
C SER A 492 21.39 -17.71 -31.59
N PRO A 493 20.21 -17.18 -31.18
CA PRO A 493 19.54 -17.45 -29.90
C PRO A 493 19.13 -18.89 -29.78
N GLN A 494 19.45 -19.53 -28.65
CA GLN A 494 19.02 -20.86 -28.43
C GLN A 494 17.83 -20.86 -27.50
N ASN A 495 16.99 -21.85 -27.71
CA ASN A 495 16.02 -22.26 -26.75
C ASN A 495 16.70 -22.53 -25.38
N ASP A 496 15.93 -22.31 -24.31
CA ASP A 496 16.33 -22.68 -22.96
C ASP A 496 16.99 -24.06 -22.91
N ASP A 497 16.37 -25.08 -23.50
CA ASP A 497 16.91 -26.43 -23.42
C ASP A 497 17.93 -26.67 -24.49
N ARG A 498 18.16 -25.67 -25.34
CA ARG A 498 19.09 -25.81 -26.48
C ARG A 498 18.59 -26.80 -27.53
N ARG A 499 17.33 -27.24 -27.40
CA ARG A 499 16.70 -28.18 -28.35
C ARG A 499 15.63 -27.48 -29.19
N TYR A 500 14.98 -28.22 -30.10
CA TYR A 500 14.04 -27.70 -31.12
C TYR A 500 12.91 -28.66 -31.42
N SER A 501 11.72 -28.16 -31.69
CA SER A 501 10.54 -29.01 -31.77
C SER A 501 10.71 -29.99 -32.90
N GLU A 502 10.56 -31.28 -32.57
CA GLU A 502 10.81 -32.36 -33.51
C GLU A 502 10.22 -32.00 -34.85
N SER A 503 8.96 -31.53 -34.88
CA SER A 503 8.29 -31.26 -36.16
C SER A 503 8.87 -30.06 -36.92
N GLY A 504 9.70 -29.27 -36.25
CA GLY A 504 10.20 -28.07 -36.84
C GLY A 504 9.34 -26.85 -36.52
N ARG A 505 8.31 -26.97 -35.64
CA ARG A 505 7.36 -25.85 -35.33
C ARG A 505 6.53 -25.93 -33.98
N VAL A 506 5.78 -24.89 -33.68
CA VAL A 506 4.99 -24.86 -32.46
C VAL A 506 3.89 -23.86 -32.54
N MET A 507 2.69 -24.26 -32.20
CA MET A 507 1.67 -23.29 -32.13
C MET A 507 2.08 -22.16 -31.22
N LEU A 508 1.64 -20.97 -31.62
CA LEU A 508 1.90 -19.75 -30.92
C LEU A 508 1.46 -19.90 -29.50
N VAL A 509 0.28 -20.49 -29.29
CA VAL A 509 -0.19 -20.70 -27.90
C VAL A 509 0.83 -21.41 -27.03
N ASP A 510 1.48 -22.47 -27.54
CA ASP A 510 2.46 -23.23 -26.70
C ASP A 510 3.75 -22.44 -26.59
N ALA A 511 4.03 -21.60 -27.59
CA ALA A 511 5.29 -20.95 -27.70
C ALA A 511 5.54 -20.03 -26.55
N LEU A 512 4.52 -19.28 -26.24
CA LEU A 512 4.58 -18.39 -25.09
C LEU A 512 4.43 -19.19 -23.79
N THR A 513 3.52 -20.14 -23.79
CA THR A 513 3.31 -20.92 -22.62
C THR A 513 4.66 -21.46 -22.09
N ARG A 514 5.44 -21.96 -23.02
CA ARG A 514 6.70 -22.58 -22.68
C ARG A 514 7.86 -21.59 -22.56
N SER A 515 7.58 -20.34 -22.94
CA SER A 515 8.59 -19.29 -23.01
C SER A 515 9.74 -19.75 -23.92
N MET A 516 9.37 -20.31 -25.07
CA MET A 516 10.36 -20.84 -26.00
C MET A 516 10.94 -19.61 -26.73
N ASN A 517 12.26 -19.41 -26.72
CA ASN A 517 12.90 -18.19 -27.30
C ASN A 517 12.87 -18.11 -28.81
N VAL A 518 13.40 -19.16 -29.45
CA VAL A 518 13.54 -19.27 -30.89
C VAL A 518 12.26 -18.87 -31.60
N PRO A 519 11.15 -19.53 -31.29
CA PRO A 519 9.96 -19.13 -31.97
C PRO A 519 9.52 -17.69 -31.65
N THR A 520 9.89 -17.20 -30.48
CA THR A 520 9.52 -15.82 -30.08
C THR A 520 10.23 -14.73 -30.90
N VAL A 521 11.47 -15.02 -31.29
CA VAL A 521 12.25 -14.18 -32.17
C VAL A 521 11.75 -14.38 -33.59
N ASN A 522 11.52 -15.61 -33.96
CA ASN A 522 10.97 -15.86 -35.27
C ASN A 522 9.73 -14.96 -35.28
N LEU A 523 8.92 -15.02 -34.24
CA LEU A 523 7.64 -14.28 -34.28
C LEU A 523 7.86 -12.79 -34.45
N GLY A 524 8.51 -12.18 -33.47
CA GLY A 524 8.82 -10.75 -33.50
C GLY A 524 9.50 -10.26 -34.77
N MET A 525 10.40 -11.07 -35.31
CA MET A 525 11.09 -10.62 -36.48
C MET A 525 10.15 -10.67 -37.66
N ALA A 526 9.02 -11.37 -37.55
CA ALA A 526 8.06 -11.33 -38.66
C ALA A 526 7.15 -10.13 -38.59
N LEU A 527 6.85 -9.70 -37.38
CA LEU A 527 5.93 -8.60 -37.15
C LEU A 527 6.72 -7.35 -37.25
N GLY A 528 8.00 -7.43 -36.93
CA GLY A 528 8.91 -6.31 -37.07
C GLY A 528 9.03 -5.56 -35.75
N LEU A 529 10.27 -5.25 -35.37
CA LEU A 529 10.58 -4.58 -34.11
C LEU A 529 9.86 -3.25 -33.90
N PRO A 530 9.63 -2.49 -34.96
CA PRO A 530 8.90 -1.22 -34.70
C PRO A 530 7.54 -1.45 -34.00
N ALA A 531 6.87 -2.55 -34.35
CA ALA A 531 5.55 -2.84 -33.83
C ALA A 531 5.74 -3.37 -32.47
N VAL A 532 6.60 -4.33 -32.29
CA VAL A 532 6.78 -4.80 -30.93
C VAL A 532 7.13 -3.59 -30.05
N THR A 533 7.83 -2.60 -30.61
CA THR A 533 8.15 -1.42 -29.82
C THR A 533 6.92 -0.55 -29.53
N GLU A 534 6.00 -0.48 -30.49
CA GLU A 534 4.77 0.30 -30.35
C GLU A 534 3.90 -0.27 -29.27
N THR A 535 3.90 -1.59 -29.13
CA THR A 535 3.13 -2.26 -28.09
C THR A 535 3.68 -1.88 -26.73
N TRP A 536 5.00 -1.90 -26.60
CA TRP A 536 5.64 -1.47 -25.35
C TRP A 536 5.25 -0.04 -25.02
N ILE A 537 5.20 0.82 -26.03
CA ILE A 537 4.91 2.21 -25.77
C ILE A 537 3.48 2.31 -25.24
N LYS A 538 2.53 1.67 -25.89
CA LYS A 538 1.16 1.63 -25.45
C LYS A 538 0.87 0.92 -24.09
N LEU A 539 1.66 -0.08 -23.71
CA LEU A 539 1.46 -0.70 -22.40
C LEU A 539 1.95 0.29 -21.36
N GLY A 540 2.71 1.29 -21.83
CA GLY A 540 3.06 2.42 -21.00
C GLY A 540 4.43 2.35 -20.35
N VAL A 541 5.42 1.92 -21.12
CA VAL A 541 6.78 1.81 -20.60
C VAL A 541 7.59 3.01 -21.09
N PRO A 542 8.58 3.43 -20.29
CA PRO A 542 9.24 4.69 -20.53
C PRO A 542 9.99 4.69 -21.87
N LYS A 543 9.48 5.45 -22.81
CA LYS A 543 9.98 5.47 -24.19
C LYS A 543 11.51 5.43 -24.34
N ASP A 544 12.21 6.25 -23.56
CA ASP A 544 13.66 6.29 -23.62
C ASP A 544 14.29 4.91 -23.40
N GLN A 545 13.54 3.95 -22.86
CA GLN A 545 14.10 2.63 -22.49
C GLN A 545 14.17 1.58 -23.61
N LEU A 546 13.33 1.72 -24.61
CA LEU A 546 13.24 0.74 -25.66
C LEU A 546 14.36 0.93 -26.71
N HIS A 547 15.14 -0.12 -26.94
CA HIS A 547 16.15 -0.06 -27.97
C HIS A 547 15.80 -1.12 -28.97
N PRO A 548 15.08 -0.71 -30.01
CA PRO A 548 14.44 -1.69 -30.86
C PRO A 548 15.49 -2.45 -31.62
N VAL A 549 15.97 -3.56 -31.05
CA VAL A 549 16.87 -4.43 -31.80
C VAL A 549 16.47 -5.84 -31.44
N PRO A 550 16.69 -6.81 -32.33
CA PRO A 550 16.17 -8.17 -32.11
C PRO A 550 16.13 -8.62 -30.67
N ALA A 551 17.19 -8.38 -29.89
CA ALA A 551 17.30 -8.89 -28.48
C ALA A 551 16.20 -8.36 -27.54
N MET A 552 15.69 -7.17 -27.81
CA MET A 552 14.57 -6.67 -27.05
C MET A 552 13.45 -7.73 -27.02
N LEU A 553 13.18 -8.36 -28.17
CA LEU A 553 12.25 -9.47 -28.22
C LEU A 553 12.43 -10.45 -27.03
N LEU A 554 13.66 -10.75 -26.61
CA LEU A 554 13.92 -11.67 -25.47
C LEU A 554 14.31 -11.02 -24.15
N GLY A 555 14.36 -9.71 -24.08
CA GLY A 555 14.60 -9.12 -22.76
C GLY A 555 15.63 -8.01 -22.64
N ALA A 556 16.11 -7.54 -23.78
CA ALA A 556 17.07 -6.48 -23.75
C ALA A 556 16.21 -5.29 -23.53
N LEU A 557 15.75 -5.16 -22.29
CA LEU A 557 14.94 -4.03 -21.90
C LEU A 557 15.04 -3.88 -20.43
N ASN A 558 15.52 -2.75 -19.93
CA ASN A 558 15.63 -2.61 -18.49
C ASN A 558 14.55 -1.70 -17.93
N LEU A 559 13.83 -2.24 -16.95
CA LEU A 559 12.74 -1.54 -16.27
C LEU A 559 12.85 -1.70 -14.76
N THR A 560 12.07 -0.90 -14.05
CA THR A 560 11.97 -0.98 -12.62
C THR A 560 10.70 -1.74 -12.35
N PRO A 561 10.61 -2.44 -11.22
CA PRO A 561 9.38 -3.17 -10.99
C PRO A 561 8.12 -2.34 -11.25
N ILE A 562 8.09 -1.10 -10.78
CA ILE A 562 6.91 -0.28 -11.00
C ILE A 562 6.59 -0.08 -12.51
N GLU A 563 7.60 0.16 -13.35
CA GLU A 563 7.36 0.24 -14.79
C GLU A 563 6.75 -1.03 -15.36
N VAL A 564 7.32 -2.18 -14.99
CA VAL A 564 6.75 -3.48 -15.37
C VAL A 564 5.32 -3.64 -14.85
N ALA A 565 5.08 -3.17 -13.62
CA ALA A 565 3.71 -3.08 -13.03
C ALA A 565 2.72 -2.38 -13.95
N GLN A 566 3.15 -1.26 -14.55
CA GLN A 566 2.32 -0.54 -15.53
C GLN A 566 2.03 -1.38 -16.74
N ALA A 567 3.09 -1.95 -17.31
CA ALA A 567 2.98 -2.66 -18.57
C ALA A 567 1.97 -3.79 -18.45
N PHE A 568 2.19 -4.65 -17.47
CA PHE A 568 1.29 -5.78 -17.29
C PHE A 568 -0.13 -5.37 -16.77
N GLN A 569 -0.25 -4.22 -16.09
CA GLN A 569 -1.59 -3.68 -15.79
C GLN A 569 -2.39 -3.53 -17.05
N THR A 570 -1.79 -2.84 -18.04
CA THR A 570 -2.44 -2.54 -19.31
C THR A 570 -3.03 -3.80 -19.95
N ILE A 571 -2.30 -4.90 -19.81
CA ILE A 571 -2.82 -6.12 -20.35
C ILE A 571 -3.84 -6.70 -19.41
N ALA A 572 -3.50 -6.77 -18.13
CA ALA A 572 -4.45 -7.32 -17.12
C ALA A 572 -5.87 -6.71 -17.25
N SER A 573 -5.96 -5.43 -17.62
CA SER A 573 -7.23 -4.76 -17.63
C SER A 573 -8.00 -5.08 -18.88
N GLY A 574 -7.53 -6.02 -19.68
CA GLY A 574 -8.08 -6.24 -21.01
C GLY A 574 -7.73 -5.15 -22.03
N GLY A 575 -6.63 -4.40 -21.81
CA GLY A 575 -6.09 -3.50 -22.86
C GLY A 575 -6.21 -2.02 -22.58
N ASN A 576 -6.96 -1.66 -21.55
CA ASN A 576 -6.87 -0.28 -21.07
C ASN A 576 -5.67 -0.03 -20.16
N ARG A 577 -4.75 0.78 -20.63
CA ARG A 577 -3.68 1.28 -19.80
C ARG A 577 -4.26 2.30 -18.84
N ALA A 578 -4.20 2.05 -17.54
CA ALA A 578 -4.54 3.06 -16.48
C ALA A 578 -3.30 3.59 -15.77
N PRO A 579 -2.95 4.85 -16.00
CA PRO A 579 -1.72 5.36 -15.35
C PRO A 579 -1.71 5.23 -13.85
N LEU A 580 -0.77 4.41 -13.38
CA LEU A 580 -0.62 4.14 -11.96
C LEU A 580 -0.51 5.39 -11.11
N SER A 581 -0.93 5.29 -9.86
CA SER A 581 -0.80 6.36 -8.92
C SER A 581 -0.91 5.81 -7.51
N ALA A 582 -0.38 6.59 -6.58
CA ALA A 582 -0.59 6.39 -5.16
C ALA A 582 -1.79 7.21 -4.63
N LEU A 583 -2.10 8.33 -5.28
CA LEU A 583 -2.99 9.36 -4.73
C LEU A 583 -4.45 9.26 -5.14
N ARG A 584 -5.31 9.25 -4.13
CA ARG A 584 -6.73 9.29 -4.29
C ARG A 584 -7.19 10.77 -4.28
N SER A 585 -6.61 11.58 -3.39
CA SER A 585 -6.99 12.98 -3.26
C SER A 585 -6.06 13.68 -2.30
N VAL A 586 -6.04 15.01 -2.34
CA VAL A 586 -5.38 15.82 -1.32
C VAL A 586 -6.39 16.86 -0.89
N ILE A 587 -6.77 16.81 0.40
CA ILE A 587 -7.80 17.71 0.97
C ILE A 587 -7.25 18.63 2.07
N ALA A 588 -7.50 19.93 1.92
CA ALA A 588 -7.09 20.97 2.90
C ALA A 588 -7.84 20.86 4.25
N GLU A 589 -7.36 21.58 5.26
CA GLU A 589 -7.96 21.52 6.61
C GLU A 589 -9.38 22.09 6.62
N ASP A 590 -9.58 23.19 5.92
CA ASP A 590 -10.92 23.76 5.73
C ASP A 590 -11.79 22.93 4.72
N GLY A 591 -11.62 21.61 4.76
CA GLY A 591 -12.35 20.65 3.91
C GLY A 591 -12.12 20.71 2.41
N LYS A 592 -11.31 21.67 1.98
CA LYS A 592 -11.31 22.20 0.60
C LYS A 592 -10.41 21.39 -0.32
N VAL A 593 -10.97 20.90 -1.42
CA VAL A 593 -10.23 20.02 -2.31
C VAL A 593 -9.15 20.77 -3.05
N LEU A 594 -7.90 20.40 -2.80
CA LEU A 594 -6.76 20.97 -3.52
C LEU A 594 -6.42 20.14 -4.77
N TYR A 595 -6.58 18.82 -4.63
CA TYR A 595 -6.44 17.86 -5.72
C TYR A 595 -7.35 16.62 -5.54
N GLN A 596 -7.97 16.21 -6.64
CA GLN A 596 -8.70 14.94 -6.73
C GLN A 596 -8.32 14.12 -8.00
N SER A 597 -8.03 12.85 -7.84
CA SER A 597 -7.76 11.95 -8.98
C SER A 597 -9.06 11.61 -9.70
N PHE A 598 -8.96 11.12 -10.93
CA PHE A 598 -10.13 10.67 -11.67
C PHE A 598 -9.64 9.70 -12.79
N PRO A 599 -10.43 8.65 -13.05
CA PRO A 599 -10.06 7.69 -14.08
C PRO A 599 -9.51 8.37 -15.34
N GLN A 600 -8.23 8.19 -15.63
CA GLN A 600 -7.65 8.70 -16.90
C GLN A 600 -7.16 7.58 -17.84
N ALA A 601 -7.79 6.41 -17.73
CA ALA A 601 -7.45 5.20 -18.48
C ALA A 601 -7.60 5.35 -19.99
N GLU A 602 -6.85 4.54 -20.74
CA GLU A 602 -6.65 4.72 -22.18
C GLU A 602 -6.52 3.36 -22.91
N ARG A 603 -7.41 3.14 -23.87
CA ARG A 603 -7.39 1.95 -24.74
C ARG A 603 -6.04 1.84 -25.43
N ALA A 604 -5.30 0.78 -25.12
CA ALA A 604 -3.93 0.64 -25.62
C ALA A 604 -3.81 -0.51 -26.60
N VAL A 605 -4.58 -1.56 -26.41
CA VAL A 605 -4.60 -2.65 -27.37
C VAL A 605 -6.00 -3.27 -27.36
N PRO A 606 -6.39 -3.96 -28.47
CA PRO A 606 -7.71 -4.57 -28.62
C PRO A 606 -7.98 -5.50 -27.50
N ALA A 607 -9.21 -5.54 -27.05
CA ALA A 607 -9.60 -6.30 -25.89
C ALA A 607 -9.35 -7.78 -26.17
N GLN A 608 -9.75 -8.15 -27.38
CA GLN A 608 -9.72 -9.53 -27.77
C GLN A 608 -8.25 -9.98 -27.69
N ALA A 609 -7.34 -9.06 -28.00
CA ALA A 609 -5.91 -9.37 -28.06
C ALA A 609 -5.42 -9.59 -26.64
N ALA A 610 -5.64 -8.59 -25.79
CA ALA A 610 -5.42 -8.80 -24.35
C ALA A 610 -6.08 -10.06 -23.79
N TYR A 611 -7.35 -10.29 -24.07
CA TYR A 611 -7.96 -11.55 -23.67
C TYR A 611 -7.11 -12.81 -24.05
N LEU A 612 -6.80 -12.91 -25.32
CA LEU A 612 -6.18 -14.08 -25.80
C LEU A 612 -4.84 -14.20 -25.10
N THR A 613 -4.16 -13.06 -24.92
CA THR A 613 -2.80 -13.06 -24.43
C THR A 613 -2.88 -13.45 -23.01
N LEU A 614 -3.86 -12.89 -22.30
CA LEU A 614 -4.07 -13.19 -20.87
C LEU A 614 -4.44 -14.67 -20.61
N TRP A 615 -5.37 -15.18 -21.39
CA TRP A 615 -5.73 -16.59 -21.47
C TRP A 615 -4.51 -17.44 -21.61
N THR A 616 -3.57 -17.03 -22.46
CA THR A 616 -2.39 -17.81 -22.70
C THR A 616 -1.61 -17.81 -21.42
N MET A 617 -1.53 -16.63 -20.77
CA MET A 617 -0.77 -16.55 -19.51
C MET A 617 -1.43 -17.30 -18.40
N GLN A 618 -2.69 -17.67 -18.57
CA GLN A 618 -3.25 -18.71 -17.71
C GLN A 618 -2.69 -20.08 -18.01
N GLN A 619 -2.29 -20.38 -19.24
CA GLN A 619 -1.57 -21.62 -19.57
C GLN A 619 -0.17 -21.65 -18.99
N VAL A 620 0.42 -20.46 -18.91
CA VAL A 620 1.82 -20.28 -18.48
C VAL A 620 1.88 -20.79 -17.07
N VAL A 621 0.86 -20.41 -16.30
CA VAL A 621 0.83 -20.74 -14.84
C VAL A 621 0.26 -22.14 -14.59
N GLN A 622 -0.61 -22.61 -15.49
CA GLN A 622 -1.23 -23.94 -15.44
C GLN A 622 -0.37 -25.09 -16.05
N ARG A 623 0.24 -24.92 -17.22
CA ARG A 623 1.11 -25.98 -17.68
C ARG A 623 2.46 -25.53 -18.23
N GLY A 624 2.69 -24.23 -18.25
CA GLY A 624 3.94 -23.70 -18.72
C GLY A 624 4.89 -23.38 -17.58
N THR A 625 5.60 -22.28 -17.77
CA THR A 625 6.76 -21.93 -16.99
C THR A 625 6.41 -21.68 -15.50
N GLY A 626 5.19 -21.19 -15.21
CA GLY A 626 4.74 -21.07 -13.83
C GLY A 626 3.89 -22.23 -13.27
N ARG A 627 3.94 -23.40 -13.91
CA ARG A 627 3.09 -24.54 -13.55
C ARG A 627 3.07 -24.90 -12.06
N GLN A 628 4.09 -24.45 -11.33
CA GLN A 628 4.23 -24.77 -9.90
C GLN A 628 3.27 -23.98 -9.02
N LEU A 629 3.04 -22.72 -9.36
CA LEU A 629 1.97 -21.94 -8.75
C LEU A 629 0.62 -22.49 -9.11
N GLY A 630 0.42 -22.76 -10.38
CA GLY A 630 -0.88 -23.22 -10.83
C GLY A 630 -1.23 -24.48 -10.11
N ALA A 631 -0.26 -25.36 -9.89
CA ALA A 631 -0.52 -26.53 -9.08
C ALA A 631 -0.95 -26.16 -7.64
N LYS A 632 -0.36 -25.13 -7.04
CA LYS A 632 -0.72 -24.69 -5.68
C LYS A 632 -2.07 -23.98 -5.60
N TYR A 633 -2.40 -23.17 -6.60
CA TYR A 633 -3.63 -22.41 -6.58
C TYR A 633 -4.49 -22.65 -7.82
N PRO A 634 -4.73 -23.91 -8.16
CA PRO A 634 -5.51 -24.12 -9.37
C PRO A 634 -6.80 -23.29 -9.52
N ASN A 635 -7.48 -23.00 -8.40
CA ASN A 635 -8.81 -22.37 -8.42
C ASN A 635 -8.72 -20.91 -8.60
N LEU A 636 -7.48 -20.40 -8.58
CA LEU A 636 -7.18 -19.01 -8.94
C LEU A 636 -7.17 -18.73 -10.45
N HIS A 637 -6.90 -19.74 -11.26
CA HIS A 637 -6.72 -19.55 -12.71
C HIS A 637 -5.97 -18.27 -12.96
N LEU A 638 -4.99 -18.01 -12.12
CA LEU A 638 -4.08 -16.88 -12.22
C LEU A 638 -3.52 -16.85 -13.62
N ALA A 639 -3.45 -15.66 -14.19
CA ALA A 639 -2.64 -15.43 -15.32
C ALA A 639 -1.30 -14.83 -14.83
N GLY A 640 -0.21 -15.22 -15.49
CA GLY A 640 1.13 -14.79 -15.11
C GLY A 640 2.20 -15.17 -16.12
N LYS A 641 3.40 -14.69 -15.86
CA LYS A 641 4.57 -14.98 -16.70
C LYS A 641 5.89 -14.88 -15.92
N THR A 642 6.80 -15.75 -16.28
CA THR A 642 8.02 -15.93 -15.54
C THR A 642 9.09 -15.16 -16.26
N GLY A 643 10.05 -14.66 -15.50
CA GLY A 643 11.24 -14.06 -16.10
C GLY A 643 12.60 -14.53 -15.58
N THR A 644 13.54 -14.80 -16.46
CA THR A 644 14.87 -15.20 -16.01
C THR A 644 15.87 -14.52 -16.92
N THR A 645 16.86 -13.86 -16.35
CA THR A 645 17.87 -13.24 -17.17
C THR A 645 18.96 -14.27 -17.36
N ASN A 646 20.03 -13.88 -18.05
CA ASN A 646 21.09 -14.79 -18.35
C ASN A 646 21.98 -14.75 -17.16
N ASN A 647 22.54 -15.92 -16.90
CA ASN A 647 23.19 -16.22 -15.64
C ASN A 647 22.42 -15.69 -14.45
N ASN A 648 21.10 -15.87 -14.50
CA ASN A 648 20.27 -15.78 -13.33
C ASN A 648 20.52 -14.56 -12.43
N VAL A 649 20.77 -13.42 -13.06
CA VAL A 649 21.06 -12.17 -12.36
C VAL A 649 19.77 -11.62 -11.82
N ASP A 650 18.72 -11.78 -12.63
CA ASP A 650 17.36 -11.31 -12.35
C ASP A 650 16.32 -12.45 -12.56
N THR A 651 15.34 -12.48 -11.65
CA THR A 651 14.19 -13.35 -11.79
C THR A 651 13.00 -12.51 -11.54
N TRP A 652 11.97 -12.76 -12.32
CA TRP A 652 10.73 -12.06 -12.18
C TRP A 652 9.61 -13.04 -12.01
N PHE A 653 8.52 -12.59 -11.47
CA PHE A 653 7.32 -13.20 -11.84
C PHE A 653 6.30 -12.13 -11.83
N ALA A 654 5.32 -12.29 -12.70
CA ALA A 654 4.33 -11.28 -12.90
C ALA A 654 3.06 -12.01 -12.87
N GLY A 655 2.21 -11.68 -11.90
CA GLY A 655 1.06 -12.47 -11.63
C GLY A 655 -0.19 -11.67 -11.52
N ILE A 656 -1.15 -12.04 -12.36
CA ILE A 656 -2.44 -11.42 -12.33
C ILE A 656 -3.52 -12.32 -11.76
N ASP A 657 -4.25 -11.81 -10.78
CA ASP A 657 -5.44 -12.47 -10.24
C ASP A 657 -6.68 -11.64 -10.65
N GLY A 658 -7.83 -11.88 -10.07
CA GLY A 658 -9.02 -11.22 -10.53
C GLY A 658 -9.06 -9.76 -10.15
N SER A 659 -8.30 -9.39 -9.11
CA SER A 659 -8.26 -8.00 -8.69
C SER A 659 -6.95 -7.29 -8.84
N THR A 660 -5.82 -7.97 -8.67
CA THR A 660 -4.54 -7.25 -8.74
C THR A 660 -3.61 -7.72 -9.83
N VAL A 661 -2.54 -6.95 -10.01
CA VAL A 661 -1.38 -7.40 -10.75
C VAL A 661 -0.24 -7.26 -9.79
N THR A 662 0.60 -8.26 -9.72
CA THR A 662 1.64 -8.31 -8.71
C THR A 662 2.96 -8.60 -9.40
N ILE A 663 3.81 -7.58 -9.46
CA ILE A 663 5.15 -7.78 -9.98
C ILE A 663 6.08 -8.12 -8.84
N THR A 664 6.78 -9.23 -8.99
CA THR A 664 7.70 -9.71 -7.97
C THR A 664 9.04 -9.84 -8.65
N TRP A 665 10.04 -9.11 -8.16
CA TRP A 665 11.44 -9.23 -8.67
C TRP A 665 12.38 -9.75 -7.59
N VAL A 666 13.31 -10.63 -7.95
CA VAL A 666 14.34 -11.04 -7.00
C VAL A 666 15.71 -11.20 -7.61
N GLY A 667 16.69 -10.54 -7.01
CA GLY A 667 18.07 -10.60 -7.47
C GLY A 667 19.04 -9.89 -6.56
N ARG A 668 20.27 -9.74 -7.03
CA ARG A 668 21.34 -9.20 -6.24
C ARG A 668 21.61 -7.75 -6.66
N ASP A 669 21.76 -6.86 -5.67
CA ASP A 669 22.09 -5.47 -5.93
C ASP A 669 23.33 -5.37 -6.77
N ASN A 670 24.27 -6.29 -6.56
CA ASN A 670 25.54 -6.27 -7.28
C ASN A 670 25.51 -6.99 -8.64
N ASN A 671 24.32 -7.27 -9.14
CA ASN A 671 24.13 -7.93 -10.43
C ASN A 671 24.75 -9.31 -10.54
N GLN A 672 25.30 -9.84 -9.46
CA GLN A 672 25.85 -11.19 -9.51
C GLN A 672 24.75 -12.19 -9.80
N PRO A 673 25.12 -13.32 -10.37
CA PRO A 673 24.21 -14.44 -10.49
C PRO A 673 23.53 -14.72 -9.16
N THR A 674 22.31 -15.21 -9.17
CA THR A 674 21.52 -15.46 -7.95
C THR A 674 21.49 -16.94 -7.58
N LYS A 675 22.11 -17.78 -8.41
CA LYS A 675 22.07 -19.23 -8.27
C LYS A 675 20.65 -19.79 -8.32
N LEU A 676 19.70 -18.99 -8.78
CA LEU A 676 18.30 -19.36 -8.72
C LEU A 676 17.84 -19.87 -10.07
N TYR A 677 17.85 -21.20 -10.20
CA TYR A 677 17.45 -21.85 -11.44
C TYR A 677 15.99 -21.50 -11.68
N GLY A 678 15.73 -20.83 -12.79
CA GLY A 678 14.37 -20.53 -13.20
C GLY A 678 13.85 -19.28 -12.54
N ALA A 679 12.63 -18.92 -12.94
CA ALA A 679 11.94 -17.75 -12.41
C ALA A 679 11.33 -18.05 -11.06
N SER A 680 11.28 -19.34 -10.70
CA SER A 680 10.79 -19.79 -9.42
C SER A 680 11.24 -18.88 -8.25
N GLY A 681 12.52 -18.52 -8.21
CA GLY A 681 13.05 -17.75 -7.10
C GLY A 681 12.07 -16.68 -6.70
N ALA A 682 11.73 -15.80 -7.64
CA ALA A 682 10.74 -14.71 -7.41
C ALA A 682 9.24 -15.21 -7.36
N MET A 683 8.94 -16.32 -8.01
CA MET A 683 7.69 -17.03 -7.74
C MET A 683 7.60 -17.43 -6.27
N SER A 684 8.66 -18.03 -5.72
CA SER A 684 8.56 -18.48 -4.32
C SER A 684 8.14 -17.33 -3.37
N ILE A 685 8.46 -16.10 -3.73
CA ILE A 685 7.98 -14.94 -3.01
C ILE A 685 6.50 -14.74 -3.31
N TYR A 686 6.15 -14.78 -4.60
CA TYR A 686 4.77 -14.53 -4.98
C TYR A 686 3.84 -15.54 -4.33
N GLN A 687 4.19 -16.83 -4.35
CA GLN A 687 3.40 -17.85 -3.64
C GLN A 687 3.41 -17.66 -2.15
N ARG A 688 4.42 -17.01 -1.60
CA ARG A 688 4.35 -16.55 -0.23
C ARG A 688 3.28 -15.49 -0.12
N TYR A 689 3.32 -14.51 -1.00
CA TYR A 689 2.41 -13.39 -0.94
C TYR A 689 0.99 -13.89 -1.04
N LEU A 690 0.72 -14.76 -2.00
CA LEU A 690 -0.66 -15.25 -2.17
C LEU A 690 -1.16 -15.93 -0.90
N ALA A 691 -0.31 -16.72 -0.27
CA ALA A 691 -0.62 -17.40 0.98
C ALA A 691 -0.75 -16.50 2.19
N ASN A 692 -0.41 -15.22 2.08
CA ASN A 692 -0.60 -14.31 3.22
C ASN A 692 -1.91 -13.55 3.17
N GLN A 693 -2.38 -13.25 2.00
CA GLN A 693 -3.61 -12.55 1.91
C GLN A 693 -4.55 -13.49 1.24
N THR A 694 -5.75 -13.00 0.96
CA THR A 694 -6.79 -13.82 0.37
C THR A 694 -6.93 -13.28 -1.06
N PRO A 695 -6.28 -13.96 -2.02
CA PRO A 695 -6.36 -13.55 -3.39
C PRO A 695 -7.71 -13.82 -3.98
N THR A 696 -8.02 -13.01 -4.98
CA THR A 696 -9.19 -13.11 -5.79
C THR A 696 -8.97 -13.96 -7.03
N PRO A 697 -9.80 -15.00 -7.24
CA PRO A 697 -9.59 -15.89 -8.39
C PRO A 697 -9.88 -15.18 -9.67
N LEU A 698 -9.14 -15.54 -10.71
CA LEU A 698 -9.22 -14.85 -11.97
C LEU A 698 -10.24 -15.45 -12.91
N ASN A 699 -11.42 -14.83 -13.02
CA ASN A 699 -12.42 -15.25 -13.99
C ASN A 699 -12.43 -14.27 -15.16
N LEU A 700 -11.77 -14.64 -16.26
CA LEU A 700 -11.72 -13.79 -17.44
C LEU A 700 -13.05 -13.90 -18.06
N VAL A 701 -13.60 -12.75 -18.40
CA VAL A 701 -14.88 -12.67 -19.05
C VAL A 701 -14.49 -12.41 -20.48
N PRO A 702 -14.77 -13.37 -21.38
CA PRO A 702 -14.40 -13.08 -22.76
C PRO A 702 -15.18 -11.91 -23.33
N PRO A 703 -14.46 -10.98 -24.05
CA PRO A 703 -15.09 -9.84 -24.68
C PRO A 703 -15.76 -10.25 -25.95
N GLU A 704 -16.25 -9.25 -26.67
CA GLU A 704 -16.99 -9.46 -27.89
C GLU A 704 -16.05 -10.14 -28.88
N ASP A 705 -16.60 -11.09 -29.64
CA ASP A 705 -15.95 -11.68 -30.82
C ASP A 705 -14.94 -12.66 -30.43
N ILE A 706 -15.04 -13.12 -29.21
CA ILE A 706 -14.34 -14.30 -28.80
C ILE A 706 -15.27 -15.53 -28.92
N ALA A 707 -14.69 -16.62 -29.43
CA ALA A 707 -15.35 -17.87 -29.59
C ALA A 707 -14.37 -18.98 -29.49
N ASP A 708 -14.79 -20.00 -28.78
CA ASP A 708 -14.01 -21.17 -28.54
C ASP A 708 -14.16 -22.11 -29.73
N MET A 709 -13.04 -22.41 -30.38
CA MET A 709 -13.07 -23.27 -31.52
C MET A 709 -12.21 -24.52 -31.32
N GLY A 710 -12.54 -25.56 -32.06
CA GLY A 710 -11.75 -26.77 -32.06
C GLY A 710 -10.70 -26.66 -33.13
N VAL A 711 -9.54 -27.27 -32.87
CA VAL A 711 -8.51 -27.47 -33.89
C VAL A 711 -8.09 -28.92 -33.79
N ASP A 712 -7.53 -29.43 -34.88
CA ASP A 712 -7.11 -30.82 -34.92
C ASP A 712 -5.66 -30.88 -34.44
N TYR A 713 -5.08 -32.08 -34.32
CA TYR A 713 -3.65 -32.26 -34.02
C TYR A 713 -2.78 -31.53 -35.05
N ASP A 714 -3.20 -31.42 -36.29
CA ASP A 714 -2.43 -30.62 -37.24
C ASP A 714 -2.62 -29.09 -37.00
N GLY A 715 -3.58 -28.71 -36.19
CA GLY A 715 -3.74 -27.31 -35.79
C GLY A 715 -4.72 -26.48 -36.62
N ASN A 716 -5.47 -27.15 -37.46
CA ASN A 716 -6.43 -26.50 -38.33
C ASN A 716 -7.76 -26.63 -37.63
N PHE A 717 -8.62 -25.64 -37.75
CA PHE A 717 -9.91 -25.61 -37.04
C PHE A 717 -10.86 -26.65 -37.57
N VAL A 718 -11.75 -27.07 -36.69
CA VAL A 718 -12.68 -28.09 -37.06
C VAL A 718 -14.04 -27.60 -36.56
N CYS A 719 -15.09 -27.95 -37.28
CA CYS A 719 -16.44 -27.44 -37.02
C CYS A 719 -17.10 -28.22 -35.91
N SER A 720 -16.78 -29.51 -35.79
CA SER A 720 -17.11 -30.34 -34.59
C SER A 720 -15.86 -31.06 -34.03
N GLY A 721 -15.81 -31.34 -32.74
CA GLY A 721 -14.70 -32.11 -32.18
C GLY A 721 -13.33 -31.38 -32.17
N GLY A 722 -12.26 -32.12 -32.46
CA GLY A 722 -10.94 -31.57 -32.33
C GLY A 722 -10.43 -31.87 -30.94
N MET A 723 -9.11 -31.94 -30.83
CA MET A 723 -8.48 -32.38 -29.62
C MET A 723 -8.04 -31.20 -28.76
N ARG A 724 -8.33 -30.01 -29.19
CA ARG A 724 -7.84 -28.91 -28.46
C ARG A 724 -8.64 -27.72 -28.76
N ILE A 725 -9.25 -27.16 -27.72
CA ILE A 725 -10.16 -26.08 -27.88
C ILE A 725 -9.42 -24.79 -27.62
N LEU A 726 -9.48 -23.88 -28.59
CA LEU A 726 -8.82 -22.58 -28.49
C LEU A 726 -9.75 -21.37 -28.68
N PRO A 727 -9.60 -20.33 -27.84
CA PRO A 727 -10.38 -19.12 -28.00
C PRO A 727 -9.89 -18.37 -29.22
N VAL A 728 -10.79 -17.72 -29.97
CA VAL A 728 -10.41 -17.10 -31.20
C VAL A 728 -11.19 -15.81 -31.32
N TRP A 729 -10.56 -14.80 -31.91
CA TRP A 729 -11.18 -13.51 -32.24
C TRP A 729 -11.95 -13.62 -33.57
N THR A 730 -13.24 -13.93 -33.48
CA THR A 730 -14.15 -13.87 -34.61
C THR A 730 -15.54 -13.50 -34.16
N SER A 731 -16.19 -12.67 -34.97
CA SER A 731 -17.60 -12.45 -34.84
C SER A 731 -18.27 -13.63 -35.54
N ASP A 732 -17.61 -14.11 -36.61
CA ASP A 732 -18.11 -15.24 -37.41
C ASP A 732 -17.09 -16.41 -37.48
N PRO A 733 -17.31 -17.47 -36.67
CA PRO A 733 -16.43 -18.65 -36.73
C PRO A 733 -16.86 -19.70 -37.74
N GLN A 734 -16.79 -19.31 -39.01
CA GLN A 734 -16.72 -20.23 -40.14
C GLN A 734 -15.32 -20.14 -40.74
N SER A 735 -14.50 -19.36 -40.06
CA SER A 735 -13.09 -19.53 -40.10
C SER A 735 -12.93 -21.01 -40.35
N LEU A 736 -13.65 -21.82 -39.59
CA LEU A 736 -13.54 -23.29 -39.69
C LEU A 736 -13.97 -23.93 -41.00
N CYS A 737 -15.13 -23.56 -41.55
CA CYS A 737 -15.52 -24.08 -42.86
C CYS A 737 -14.37 -23.87 -43.81
N GLN A 738 -13.87 -22.66 -43.83
CA GLN A 738 -12.87 -22.27 -44.78
C GLN A 738 -11.54 -23.00 -44.53
N GLN A 739 -11.31 -23.40 -43.27
CA GLN A 739 -10.19 -24.30 -42.93
C GLN A 739 -10.48 -25.75 -43.32
N SER A 740 -11.73 -26.18 -43.11
CA SER A 740 -12.20 -27.54 -43.45
C SER A 740 -12.13 -27.85 -44.97
N GLU A 741 -12.21 -26.80 -45.80
CA GLU A 741 -12.09 -26.99 -47.25
C GLU A 741 -10.67 -27.32 -47.73
N MET A 742 -9.71 -27.45 -46.82
CA MET A 742 -8.36 -27.91 -47.18
C MET A 742 -8.40 -29.25 -47.94
N GLN A 743 -9.20 -30.19 -47.46
CA GLN A 743 -9.50 -31.44 -48.19
C GLN A 743 -8.28 -32.09 -48.83
ODF M0E B . 10.78 24.32 36.12
CDG M0E B . 10.20 25.05 35.04
CDH M0E B . 9.44 26.23 35.58
ODI M0E B . 8.95 26.15 36.73
ODJ M0E B . 9.33 27.25 34.87
CDK M0E B . 11.30 25.50 34.09
OBF M0E B . 11.95 24.37 33.50
PBI M0E B . 11.13 23.38 32.43
OBB M0E B . 12.13 22.41 31.85
OAZ M0E B . 10.34 24.27 31.50
OBG M0E B . 10.05 22.51 33.32
CAX M0E B . 10.28 21.29 34.07
OBE M0E B . 10.30 21.59 35.46
CAQ M0E B . 9.06 22.13 35.92
CAW M0E B . 9.20 22.51 37.37
OBD M0E B . 9.99 21.90 38.07
NAU M0E B . 8.46 23.51 37.84
CAO M0E B . 7.96 21.10 35.78
OBA M0E B . 6.71 21.69 36.16
CAS M0E B . 8.22 19.89 36.68
CAP M0E B . 7.85 20.65 34.32
OBH M0E B . 6.88 19.62 34.18
CAV M0E B . 5.61 20.15 33.68
OBC M0E B . 5.63 20.83 32.67
NAT M0E B . 4.49 19.86 34.33
CAR M0E B . 9.21 20.18 33.84
O1 M0E B . 9.21 20.03 32.42
C1 M0E B . 8.57 18.86 31.90
C2 M0E B . 8.27 19.14 30.42
C3 M0E B . 8.81 18.06 29.50
O3 M0E B . 8.63 18.45 28.13
N2 M0E B . 6.83 19.33 30.21
CAG M0E B . 6.36 20.37 29.51
CAH M0E B . 6.75 21.73 30.04
OAN M0E B . 5.66 20.23 28.53
O5 M0E B . 9.42 17.73 32.11
C5 M0E B . 10.59 17.65 31.29
C6 M0E B . 11.67 18.61 31.78
O6 M0E B . 12.43 18.01 32.84
CBJ M0E B . 13.84 17.74 32.58
OBS M0E B . 14.40 16.95 33.62
CBN M0E B . 14.28 17.55 34.92
CBO M0E B . 12.87 17.37 35.44
OBT M0E B . 12.78 17.87 36.78
CBM M0E B . 14.67 19.04 34.90
OBR M0E B . 15.50 19.32 36.03
CBL M0E B . 15.39 19.46 33.63
OBQ M0E B . 15.59 20.89 33.63
CBK M0E B . 14.59 19.06 32.40
OBP M0E B . 15.48 18.93 31.27
C4 M0E B . 10.30 17.87 29.80
O4 M0E B . 10.80 16.78 29.03
CBU M0E B . 11.77 17.19 28.07
CBV M0E B . 12.81 16.10 27.89
CBW M0E B . 13.82 16.49 26.81
OCD M0E B . 14.63 15.34 26.50
NCC M0E B . 13.49 15.85 29.14
CCA M0E B . 13.40 14.67 29.76
CCB M0E B . 14.67 14.16 30.37
OCG M0E B . 12.34 14.06 29.83
OCF M0E B . 11.13 17.45 26.83
CBY M0E B . 12.04 18.00 25.87
CBZ M0E B . 11.28 18.41 24.61
CBX M0E B . 13.13 16.97 25.54
OCE M0E B . 14.09 17.55 24.67
CCH M0E B . 13.87 17.20 23.30
OCP M0E B . 14.85 16.23 22.91
CCI M0E B . 13.93 18.47 22.45
OCN M0E B . 12.63 18.74 21.90
CCJ M0E B . 14.95 18.43 21.31
OCO M0E B . 16.27 18.50 21.85
CCK M0E B . 14.80 17.16 20.48
OCR M0E B . 15.86 17.10 19.51
CCL M0E B . 14.80 15.94 21.47
CCM M0E B . 15.91 14.97 21.16
OCQ M0E B . 16.14 14.64 20.01
NCS M0E B . 16.59 14.49 22.20
OAL 5VW C . 11.32 -19.75 -16.54
SAI 5VW C . 11.36 -18.98 -17.83
OAJ 5VW C . 11.04 -17.61 -17.45
OAK 5VW C . 10.42 -19.50 -18.84
OAH 5VW C . 12.69 -18.98 -18.54
NAG 5VW C . 13.02 -19.76 -19.77
CAE 5VW C . 13.70 -19.11 -20.89
CAF 5VW C . 15.22 -18.93 -20.66
CB 5VW C . 15.86 -17.60 -20.94
CAD 5VW C . 13.05 -17.92 -21.22
N 5VW C . 13.50 -16.85 -20.37
CAP 5VW C . 12.63 -16.43 -19.42
OAQ 5VW C . 13.20 -15.60 -18.71
CA 5VW C . 15.01 -16.44 -20.53
C 5VW C . 15.57 -15.28 -21.28
O 5VW C . 15.04 -14.70 -22.20
NAN 5VW C . 16.75 -14.88 -20.79
OAR 5VW C . 17.80 -13.68 -21.47
CAS 5VW C . 17.84 -12.45 -20.83
CAW 5VW C . 19.08 -12.32 -20.15
CAV 5VW C . 19.48 -10.93 -20.21
NAU 5VW C . 19.03 -10.45 -21.50
CAT 5VW C . 17.91 -11.29 -21.81
H23 5VW C . 13.59 -20.53 -19.50
H4 5VW C . 13.53 -19.77 -21.72
H5 5VW C . 15.74 -19.67 -21.26
H6 5VW C . 15.40 -19.14 -19.62
H7 5VW C . 16.10 -17.55 -21.99
H8 5VW C . 16.76 -17.55 -20.37
H9 5VW C . 11.98 -18.07 -21.10
H10 5VW C . 13.26 -17.68 -22.26
H12 5VW C . 15.35 -16.26 -19.53
H13 5VW C . 17.17 -15.41 -20.06
H14 5VW C . 17.01 -12.34 -20.16
H16 5VW C . 19.80 -12.95 -20.62
H15 5VW C . 18.95 -12.61 -19.12
H17 5VW C . 19.05 -10.39 -19.40
H18 5VW C . 20.56 -10.89 -20.14
HB6 5VW C . 19.73 -10.59 -22.20
H22 5VW C . 18.00 -11.59 -22.84
H21 5VW C . 17.03 -10.68 -21.68
#